data_9MSO
#
_entry.id   9MSO
#
_cell.length_a   72.504
_cell.length_b   165.497
_cell.length_c   118.453
_cell.angle_alpha   90.00
_cell.angle_beta   90.00
_cell.angle_gamma   90.00
#
_symmetry.space_group_name_H-M   'P 21 21 21'
#
loop_
_entity.id
_entity.type
_entity.pdbx_description
1 polymer 'EV35-6 heavy chain'
2 polymer 'EV35-6 light chain'
3 polymer 'Protein OPG161'
#
loop_
_entity_poly.entity_id
_entity_poly.type
_entity_poly.pdbx_seq_one_letter_code
_entity_poly.pdbx_strand_id
1 'polypeptide(L)'
;QVQLQQWGAGLLKPSETLSLTCAVSGASFSGYYWTWIRQPPGKGLEWIGEIHHTGNTNYNPSLKSRVSISVDTSKNQFSL
KLTSVTAADTAVYYCARVGGYYYGWGKKPHWFDPWGQGTLVTVSSASTKGPSVFPLAPSSKSTSGGTAALGCLVKDYFPE
PVTVSWNSGALTSGVHTFPAVLQSSGLYSLSSVVTVPSSSLGTQTYICNVNHKPSNTKVDKKVEPKSC
;
H,A
2 'polypeptide(L)'
;EIVLTQSPATLSLSPGERATLSCRASQSVSSDLAWYQQRPGQAPRLLIYDASNRATGIPARFSGSGSGTDFTLTISSLEP
EDFAVYYCQQRSNWGFTFGPGTKVDIKRTVAAPSVFIFPPSDEQLKSGTASVVCLLNNFYPREAKVQWKVDNALQSGNSQ
ESVTEQDSKDSTYSLSSTLTLSKADYEKHKVYACEVTHQGLSSPVTKSFNRGEC
;
L,B
3 'polypeptide(L)'
;STTQYDHKESCNGLYYQGSCYILHSDYKSFEDAKANCAAESSTLPNKSDVLTTWLIDYVEDTWGSDGNPITKTTSDYQDS
DVSQEVRKYFCTGSHHHHHH
;
G,I,E,F
#
# COMPACT_ATOMS: atom_id res chain seq x y z
N GLN A 1 -23.98 -22.45 3.91
CA GLN A 1 -22.73 -23.01 4.41
C GLN A 1 -22.14 -23.99 3.39
N VAL A 2 -21.12 -23.53 2.65
CA VAL A 2 -20.52 -24.37 1.63
C VAL A 2 -19.68 -25.46 2.30
N GLN A 3 -19.78 -26.68 1.78
CA GLN A 3 -19.03 -27.82 2.30
C GLN A 3 -18.33 -28.52 1.14
N LEU A 4 -17.07 -28.89 1.37
CA LEU A 4 -16.26 -29.58 0.38
C LEU A 4 -15.78 -30.90 0.96
N GLN A 5 -15.65 -31.90 0.08
CA GLN A 5 -15.15 -33.22 0.49
C GLN A 5 -14.25 -33.76 -0.60
N GLN A 6 -13.11 -34.32 -0.21
CA GLN A 6 -12.13 -34.85 -1.14
C GLN A 6 -11.90 -36.34 -0.89
N TRP A 7 -11.53 -37.04 -1.96
CA TRP A 7 -11.08 -38.42 -1.86
C TRP A 7 -10.15 -38.72 -3.02
N GLY A 8 -9.35 -39.76 -2.87
CA GLY A 8 -8.40 -40.14 -3.90
C GLY A 8 -7.30 -40.98 -3.33
N ALA A 9 -6.53 -41.57 -4.24
CA ALA A 9 -5.41 -42.43 -3.85
C ALA A 9 -4.36 -41.64 -3.08
N GLY A 10 -4.14 -42.03 -1.83
CA GLY A 10 -3.18 -41.39 -0.96
C GLY A 10 -1.80 -41.99 -1.02
N LEU A 11 -1.56 -42.94 -1.92
CA LEU A 11 -0.26 -43.56 -2.07
C LEU A 11 -0.04 -43.89 -3.54
N LEU A 12 1.00 -43.31 -4.13
CA LEU A 12 1.27 -43.47 -5.54
C LEU A 12 2.73 -43.81 -5.75
N LYS A 13 3.00 -44.74 -6.66
CA LYS A 13 4.35 -44.99 -7.11
C LYS A 13 4.80 -43.88 -8.05
N PRO A 14 6.10 -43.64 -8.16
CA PRO A 14 6.59 -42.65 -9.12
C PRO A 14 6.20 -43.03 -10.54
N SER A 15 5.95 -42.00 -11.36
CA SER A 15 5.53 -42.02 -12.75
C SER A 15 4.05 -42.35 -12.91
N GLU A 16 3.34 -42.68 -11.84
CA GLU A 16 1.89 -42.89 -11.93
C GLU A 16 1.18 -41.54 -12.05
N THR A 17 -0.15 -41.60 -12.14
CA THR A 17 -0.96 -40.40 -12.28
C THR A 17 -1.76 -40.17 -10.99
N LEU A 18 -1.73 -38.94 -10.50
CA LEU A 18 -2.52 -38.56 -9.34
C LEU A 18 -3.96 -38.30 -9.76
N SER A 19 -4.91 -38.73 -8.93
CA SER A 19 -6.32 -38.54 -9.21
C SER A 19 -7.04 -38.20 -7.91
N LEU A 20 -7.60 -37.00 -7.84
CA LEU A 20 -8.37 -36.54 -6.70
C LEU A 20 -9.69 -35.95 -7.19
N THR A 21 -10.72 -36.05 -6.34
CA THR A 21 -12.04 -35.52 -6.67
C THR A 21 -12.60 -34.74 -5.49
N CYS A 22 -13.20 -33.60 -5.78
CA CYS A 22 -13.79 -32.72 -4.78
C CYS A 22 -15.28 -32.60 -5.04
N ALA A 23 -16.09 -32.77 -4.00
CA ALA A 23 -17.54 -32.70 -4.10
C ALA A 23 -18.05 -31.51 -3.29
N VAL A 24 -19.07 -30.84 -3.83
CA VAL A 24 -19.56 -29.59 -3.28
C VAL A 24 -21.04 -29.72 -2.95
N SER A 25 -21.43 -29.16 -1.80
CA SER A 25 -22.83 -29.08 -1.40
C SER A 25 -23.06 -27.76 -0.69
N GLY A 26 -24.31 -27.30 -0.71
CA GLY A 26 -24.68 -26.10 0.01
C GLY A 26 -24.37 -24.79 -0.67
N ALA A 27 -24.09 -24.80 -1.98
CA ALA A 27 -23.77 -23.58 -2.69
C ALA A 27 -24.10 -23.74 -4.16
N SER A 28 -23.98 -22.63 -4.88
CA SER A 28 -24.21 -22.62 -6.33
C SER A 28 -22.92 -23.09 -7.00
N PHE A 29 -22.91 -24.34 -7.47
CA PHE A 29 -21.72 -24.89 -8.10
C PHE A 29 -21.35 -24.12 -9.35
N SER A 30 -22.34 -23.77 -10.18
CA SER A 30 -22.08 -22.99 -11.39
C SER A 30 -22.09 -21.49 -11.11
N GLY A 31 -21.32 -21.05 -10.11
CA GLY A 31 -21.29 -19.65 -9.75
C GLY A 31 -19.95 -19.19 -9.22
N TYR A 32 -19.01 -20.13 -9.10
CA TYR A 32 -17.67 -19.83 -8.62
C TYR A 32 -16.65 -20.64 -9.42
N TYR A 33 -15.42 -20.16 -9.40
CA TYR A 33 -14.29 -20.97 -9.84
C TYR A 33 -13.84 -21.86 -8.69
N TRP A 34 -13.33 -23.04 -9.04
CA TRP A 34 -12.91 -24.04 -8.07
C TRP A 34 -11.47 -24.43 -8.34
N THR A 35 -10.65 -24.42 -7.30
CA THR A 35 -9.21 -24.56 -7.44
C THR A 35 -8.68 -25.77 -6.68
N TRP A 36 -7.47 -26.18 -7.05
CA TRP A 36 -6.68 -27.15 -6.30
C TRP A 36 -5.39 -26.49 -5.86
N ILE A 37 -5.03 -26.67 -4.59
CA ILE A 37 -3.83 -26.08 -4.00
C ILE A 37 -3.12 -27.16 -3.20
N ARG A 38 -1.84 -27.37 -3.49
CA ARG A 38 -1.05 -28.38 -2.80
C ARG A 38 0.00 -27.73 -1.91
N GLN A 39 0.22 -28.32 -0.74
CA GLN A 39 1.25 -27.88 0.20
C GLN A 39 2.16 -29.05 0.52
N PRO A 40 3.39 -29.07 0.02
CA PRO A 40 4.34 -30.11 0.43
C PRO A 40 4.59 -30.05 1.92
N PRO A 41 4.79 -31.20 2.57
CA PRO A 41 4.87 -31.21 4.04
C PRO A 41 6.02 -30.36 4.55
N GLY A 42 5.68 -29.44 5.46
CA GLY A 42 6.66 -28.55 6.05
C GLY A 42 7.05 -27.35 5.21
N LYS A 43 6.55 -27.25 3.99
CA LYS A 43 6.87 -26.15 3.08
C LYS A 43 5.62 -25.30 2.86
N GLY A 44 5.72 -24.33 1.96
CA GLY A 44 4.65 -23.40 1.70
C GLY A 44 3.61 -23.94 0.73
N LEU A 45 2.64 -23.09 0.43
CA LEU A 45 1.51 -23.46 -0.41
C LEU A 45 1.76 -23.09 -1.86
N GLU A 46 1.21 -23.91 -2.77
CA GLU A 46 1.34 -23.69 -4.20
C GLU A 46 0.00 -23.91 -4.88
N TRP A 47 -0.41 -22.95 -5.69
CA TRP A 47 -1.66 -23.07 -6.45
C TRP A 47 -1.45 -23.92 -7.68
N ILE A 48 -2.36 -24.86 -7.92
CA ILE A 48 -2.23 -25.80 -9.03
C ILE A 48 -3.03 -25.32 -10.24
N GLY A 49 -4.33 -25.18 -10.07
CA GLY A 49 -5.18 -24.76 -11.17
C GLY A 49 -6.58 -24.46 -10.70
N GLU A 50 -7.40 -24.02 -11.64
CA GLU A 50 -8.79 -23.67 -11.36
C GLU A 50 -9.65 -24.05 -12.54
N ILE A 51 -10.96 -24.17 -12.30
CA ILE A 51 -11.91 -24.56 -13.34
C ILE A 51 -13.26 -23.91 -13.04
N HIS A 52 -14.00 -23.64 -14.11
CA HIS A 52 -15.36 -23.10 -14.03
C HIS A 52 -16.31 -24.10 -14.66
N HIS A 53 -17.60 -23.95 -14.37
CA HIS A 53 -18.58 -24.90 -14.90
C HIS A 53 -18.70 -24.82 -16.42
N THR A 54 -18.25 -23.72 -17.03
CA THR A 54 -18.23 -23.60 -18.48
C THR A 54 -17.12 -24.41 -19.13
N GLY A 55 -16.24 -25.02 -18.34
CA GLY A 55 -15.09 -25.72 -18.86
C GLY A 55 -13.82 -24.89 -18.97
N ASN A 56 -13.87 -23.61 -18.63
CA ASN A 56 -12.67 -22.79 -18.66
C ASN A 56 -11.72 -23.20 -17.54
N THR A 57 -10.44 -23.36 -17.87
CA THR A 57 -9.43 -23.79 -16.92
C THR A 57 -8.24 -22.85 -16.98
N ASN A 58 -7.64 -22.60 -15.82
CA ASN A 58 -6.36 -21.90 -15.72
C ASN A 58 -5.42 -22.76 -14.90
N TYR A 59 -4.20 -22.93 -15.40
CA TYR A 59 -3.22 -23.79 -14.74
C TYR A 59 -1.97 -22.98 -14.39
N ASN A 60 -1.33 -23.38 -13.31
CA ASN A 60 -0.03 -22.84 -12.95
C ASN A 60 0.97 -23.21 -14.05
N PRO A 61 1.71 -22.24 -14.60
CA PRO A 61 2.65 -22.57 -15.69
C PRO A 61 3.69 -23.59 -15.32
N SER A 62 4.13 -23.61 -14.05
CA SER A 62 5.12 -24.60 -13.62
C SER A 62 4.57 -26.02 -13.60
N LEU A 63 3.25 -26.20 -13.70
CA LEU A 63 2.64 -27.51 -13.70
C LEU A 63 1.75 -27.78 -14.90
N LYS A 64 1.67 -26.85 -15.85
CA LYS A 64 0.76 -27.01 -16.98
C LYS A 64 1.10 -28.23 -17.84
N SER A 65 2.34 -28.73 -17.75
CA SER A 65 2.73 -29.88 -18.56
C SER A 65 1.98 -31.14 -18.15
N ARG A 66 1.58 -31.26 -16.88
CA ARG A 66 1.03 -32.51 -16.39
C ARG A 66 -0.15 -32.30 -15.45
N VAL A 67 -0.92 -31.23 -15.62
CA VAL A 67 -2.08 -30.94 -14.79
C VAL A 67 -3.32 -30.85 -15.68
N SER A 68 -4.37 -31.57 -15.30
CA SER A 68 -5.65 -31.53 -15.98
C SER A 68 -6.74 -31.49 -14.93
N ILE A 69 -7.64 -30.51 -15.04
CA ILE A 69 -8.76 -30.37 -14.11
C ILE A 69 -10.06 -30.52 -14.88
N SER A 70 -10.90 -31.44 -14.44
CA SER A 70 -12.18 -31.74 -15.07
C SER A 70 -13.32 -31.32 -14.14
N VAL A 71 -14.52 -31.21 -14.71
CA VAL A 71 -15.70 -30.78 -13.97
C VAL A 71 -16.86 -31.71 -14.31
N ASP A 72 -17.61 -32.09 -13.28
CA ASP A 72 -18.83 -32.90 -13.39
C ASP A 72 -19.98 -32.06 -12.84
N THR A 73 -20.63 -31.28 -13.71
CA THR A 73 -21.66 -30.36 -13.24
C THR A 73 -22.90 -31.10 -12.75
N SER A 74 -23.19 -32.28 -13.30
CA SER A 74 -24.36 -33.03 -12.86
C SER A 74 -24.17 -33.61 -11.47
N LYS A 75 -22.94 -33.67 -10.97
CA LYS A 75 -22.66 -34.20 -9.64
C LYS A 75 -22.06 -33.15 -8.69
N ASN A 76 -21.92 -31.90 -9.14
CA ASN A 76 -21.28 -30.85 -8.34
C ASN A 76 -19.89 -31.27 -7.88
N GLN A 77 -19.14 -31.89 -8.79
CA GLN A 77 -17.80 -32.39 -8.50
C GLN A 77 -16.82 -31.86 -9.53
N PHE A 78 -15.54 -31.88 -9.16
CA PHE A 78 -14.47 -31.54 -10.09
C PHE A 78 -13.22 -32.28 -9.66
N SER A 79 -12.49 -32.81 -10.65
CA SER A 79 -11.38 -33.72 -10.41
C SER A 79 -10.06 -33.09 -10.84
N LEU A 80 -8.98 -33.70 -10.37
CA LEU A 80 -7.62 -33.27 -10.68
C LEU A 80 -6.79 -34.48 -11.10
N LYS A 81 -6.05 -34.33 -12.20
CA LYS A 81 -5.14 -35.35 -12.69
C LYS A 81 -3.74 -34.77 -12.83
N LEU A 82 -2.77 -35.46 -12.25
CA LEU A 82 -1.37 -35.03 -12.28
C LEU A 82 -0.53 -36.20 -12.80
N THR A 83 -0.23 -36.19 -14.10
CA THR A 83 0.53 -37.28 -14.68
C THR A 83 2.01 -37.15 -14.31
N SER A 84 2.72 -38.28 -14.42
CA SER A 84 4.16 -38.34 -14.16
C SER A 84 4.49 -37.83 -12.75
N VAL A 85 3.89 -38.50 -11.76
CA VAL A 85 4.03 -38.08 -10.38
C VAL A 85 5.45 -38.39 -9.91
N THR A 86 6.15 -37.36 -9.45
CA THR A 86 7.50 -37.49 -8.94
C THR A 86 7.49 -37.42 -7.41
N ALA A 87 8.67 -37.63 -6.81
CA ALA A 87 8.78 -37.57 -5.36
C ALA A 87 8.50 -36.16 -4.84
N ALA A 88 8.73 -35.14 -5.67
CA ALA A 88 8.46 -33.76 -5.25
C ALA A 88 6.97 -33.49 -5.11
N ASP A 89 6.10 -34.33 -5.68
CA ASP A 89 4.67 -34.12 -5.62
C ASP A 89 4.04 -34.60 -4.32
N THR A 90 4.82 -35.20 -3.42
CA THR A 90 4.31 -35.56 -2.10
C THR A 90 3.84 -34.29 -1.39
N ALA A 91 2.53 -34.18 -1.14
CA ALA A 91 1.97 -32.97 -0.57
C ALA A 91 0.56 -33.27 -0.07
N VAL A 92 0.05 -32.36 0.74
CA VAL A 92 -1.36 -32.36 1.13
C VAL A 92 -2.11 -31.49 0.13
N TYR A 93 -3.07 -32.09 -0.57
CA TYR A 93 -3.81 -31.39 -1.62
C TYR A 93 -5.16 -30.95 -1.09
N TYR A 94 -5.45 -29.66 -1.24
CA TYR A 94 -6.74 -29.09 -0.86
C TYR A 94 -7.51 -28.68 -2.10
N CYS A 95 -8.82 -28.88 -2.08
CA CYS A 95 -9.71 -28.23 -3.03
C CYS A 95 -10.41 -27.09 -2.31
N ALA A 96 -10.56 -25.98 -3.01
CA ALA A 96 -11.14 -24.77 -2.42
C ALA A 96 -12.04 -24.10 -3.43
N ARG A 97 -12.70 -23.04 -2.99
CA ARG A 97 -13.56 -22.23 -3.83
C ARG A 97 -13.01 -20.81 -3.88
N VAL A 98 -13.00 -20.22 -5.07
CA VAL A 98 -12.74 -18.80 -5.18
C VAL A 98 -13.94 -18.07 -4.59
N GLY A 99 -13.71 -17.33 -3.50
CA GLY A 99 -14.81 -16.89 -2.65
C GLY A 99 -15.67 -15.79 -3.25
N GLY A 100 -15.26 -15.19 -4.36
CA GLY A 100 -16.07 -14.21 -5.04
C GLY A 100 -16.90 -14.85 -6.13
N TYR A 101 -18.22 -14.61 -6.09
CA TYR A 101 -19.10 -15.09 -7.14
C TYR A 101 -18.61 -14.58 -8.49
N TYR A 102 -18.20 -15.51 -9.35
CA TYR A 102 -17.68 -15.14 -10.67
C TYR A 102 -18.83 -14.67 -11.55
N TYR A 103 -18.90 -13.37 -11.80
CA TYR A 103 -19.99 -12.82 -12.62
C TYR A 103 -19.80 -13.07 -14.09
N GLY A 104 -18.55 -13.13 -14.56
CA GLY A 104 -18.27 -13.20 -15.98
C GLY A 104 -17.92 -11.88 -16.62
N TRP A 105 -17.91 -10.79 -15.84
CA TRP A 105 -17.61 -9.45 -16.33
C TRP A 105 -17.06 -8.64 -15.15
N GLY A 106 -16.02 -7.84 -15.41
CA GLY A 106 -15.42 -7.03 -14.38
C GLY A 106 -14.33 -7.76 -13.63
N LYS A 107 -13.79 -7.05 -12.64
CA LYS A 107 -12.67 -7.57 -11.83
C LYS A 107 -12.96 -8.98 -11.35
N LYS A 108 -11.91 -9.79 -11.26
CA LYS A 108 -11.95 -11.21 -10.92
C LYS A 108 -11.58 -11.45 -9.46
N PRO A 109 -12.36 -12.32 -8.82
CA PRO A 109 -12.09 -12.71 -7.43
C PRO A 109 -10.71 -13.32 -7.27
N HIS A 110 -10.10 -13.07 -6.10
CA HIS A 110 -8.69 -13.33 -5.90
C HIS A 110 -8.37 -14.07 -4.61
N TRP A 111 -9.38 -14.53 -3.87
CA TRP A 111 -9.17 -15.22 -2.60
C TRP A 111 -9.80 -16.61 -2.62
N PHE A 112 -9.51 -17.38 -1.58
CA PHE A 112 -9.94 -18.77 -1.46
C PHE A 112 -10.73 -18.96 -0.17
N ASP A 113 -12.02 -19.22 -0.29
CA ASP A 113 -12.87 -19.55 0.85
C ASP A 113 -14.13 -20.26 0.34
N PRO A 114 -14.44 -21.45 0.85
CA PRO A 114 -13.78 -22.18 1.94
C PRO A 114 -12.69 -23.13 1.45
N TRP A 115 -12.07 -23.86 2.38
CA TRP A 115 -11.02 -24.82 2.08
C TRP A 115 -11.49 -26.23 2.41
N GLY A 116 -10.95 -27.21 1.68
CA GLY A 116 -11.23 -28.59 1.98
C GLY A 116 -10.34 -29.10 3.10
N GLN A 117 -10.74 -30.25 3.65
CA GLN A 117 -9.98 -30.82 4.75
C GLN A 117 -8.58 -31.24 4.32
N GLY A 118 -8.41 -31.60 3.05
CA GLY A 118 -7.11 -31.93 2.52
C GLY A 118 -6.89 -33.42 2.41
N THR A 119 -6.21 -33.85 1.36
CA THR A 119 -5.89 -35.26 1.15
C THR A 119 -4.40 -35.39 0.94
N LEU A 120 -3.74 -36.13 1.83
CA LEU A 120 -2.31 -36.37 1.69
C LEU A 120 -2.06 -37.38 0.58
N VAL A 121 -1.16 -37.04 -0.34
CA VAL A 121 -0.71 -37.93 -1.39
C VAL A 121 0.78 -38.15 -1.19
N THR A 122 1.17 -39.38 -0.89
CA THR A 122 2.55 -39.74 -0.63
C THR A 122 3.09 -40.50 -1.83
N VAL A 123 4.28 -40.11 -2.30
CA VAL A 123 4.88 -40.70 -3.48
C VAL A 123 6.04 -41.57 -3.01
N SER A 124 5.88 -42.88 -3.15
CA SER A 124 6.93 -43.84 -2.83
C SER A 124 6.57 -45.17 -3.46
N SER A 125 7.59 -45.88 -3.95
CA SER A 125 7.42 -47.22 -4.49
C SER A 125 7.45 -48.30 -3.42
N ALA A 126 7.47 -47.92 -2.14
CA ALA A 126 7.66 -48.85 -1.05
C ALA A 126 6.36 -49.51 -0.62
N SER A 127 6.49 -50.74 -0.11
CA SER A 127 5.40 -51.52 0.45
C SER A 127 5.41 -51.40 1.96
N THR A 128 4.34 -51.90 2.59
CA THR A 128 4.26 -51.89 4.05
C THR A 128 5.42 -52.69 4.63
N LYS A 129 6.09 -52.10 5.62
CA LYS A 129 7.30 -52.69 6.18
C LYS A 129 7.38 -52.37 7.66
N GLY A 130 7.93 -53.31 8.43
CA GLY A 130 8.14 -53.12 9.84
C GLY A 130 9.33 -52.23 10.11
N PRO A 131 9.29 -51.49 11.21
CA PRO A 131 10.38 -50.56 11.51
C PRO A 131 11.58 -51.25 12.16
N SER A 132 12.77 -50.85 11.72
CA SER A 132 14.01 -51.29 12.32
C SER A 132 14.43 -50.29 13.39
N VAL A 133 14.52 -50.76 14.63
CA VAL A 133 14.80 -49.89 15.77
C VAL A 133 16.24 -50.09 16.20
N PHE A 134 17.02 -49.01 16.20
CA PHE A 134 18.41 -49.03 16.60
C PHE A 134 18.63 -48.12 17.81
N PRO A 135 19.56 -48.47 18.69
CA PRO A 135 19.75 -47.68 19.91
C PRO A 135 20.71 -46.51 19.73
N LEU A 136 20.32 -45.37 20.30
CA LEU A 136 21.17 -44.18 20.39
C LEU A 136 21.69 -44.12 21.82
N ALA A 137 22.84 -44.74 22.05
CA ALA A 137 23.35 -44.91 23.40
C ALA A 137 23.84 -43.59 23.96
N PRO A 138 23.69 -43.37 25.28
CA PRO A 138 24.20 -42.15 25.89
C PRO A 138 25.72 -42.12 25.92
N SER A 139 26.26 -40.90 25.87
CA SER A 139 27.70 -40.70 25.88
C SER A 139 28.34 -41.22 27.17
N GLY A 146 25.50 -32.21 35.17
CA GLY A 146 25.40 -32.65 33.79
C GLY A 146 24.24 -33.58 33.54
N THR A 147 23.71 -33.55 32.31
CA THR A 147 22.59 -34.39 31.92
C THR A 147 22.96 -35.17 30.66
N ALA A 148 22.50 -36.41 30.60
CA ALA A 148 22.78 -37.31 29.48
C ALA A 148 21.56 -37.44 28.59
N ALA A 149 21.80 -37.78 27.32
CA ALA A 149 20.74 -37.96 26.34
C ALA A 149 20.88 -39.32 25.67
N LEU A 150 19.73 -39.93 25.39
CA LEU A 150 19.68 -41.23 24.71
C LEU A 150 18.37 -41.29 23.93
N GLY A 151 18.25 -42.30 23.08
CA GLY A 151 17.04 -42.42 22.29
C GLY A 151 17.06 -43.63 21.40
N CYS A 152 16.08 -43.66 20.49
CA CYS A 152 15.89 -44.78 19.57
C CYS A 152 15.64 -44.25 18.17
N LEU A 153 16.30 -44.86 17.18
CA LEU A 153 16.12 -44.49 15.78
C LEU A 153 15.16 -45.50 15.13
N VAL A 154 13.96 -45.04 14.82
CA VAL A 154 12.94 -45.86 14.16
C VAL A 154 13.08 -45.61 12.67
N LYS A 155 13.78 -46.51 11.98
CA LYS A 155 14.19 -46.30 10.60
C LYS A 155 13.54 -47.33 9.67
N ASP A 156 13.27 -46.90 8.44
CA ASP A 156 12.88 -47.76 7.33
C ASP A 156 11.58 -48.51 7.63
N TYR A 157 10.51 -47.73 7.76
CA TYR A 157 9.17 -48.28 7.93
C TYR A 157 8.20 -47.54 7.01
N PHE A 158 7.05 -48.19 6.75
CA PHE A 158 6.02 -47.60 5.90
C PHE A 158 4.73 -48.36 6.13
N PRO A 159 3.57 -47.69 6.18
CA PRO A 159 3.38 -46.23 6.17
C PRO A 159 3.41 -45.64 7.57
N GLU A 160 2.87 -44.44 7.74
CA GLU A 160 2.73 -43.80 9.04
C GLU A 160 1.45 -44.26 9.71
N PRO A 161 1.35 -44.14 11.05
CA PRO A 161 2.35 -43.61 11.99
C PRO A 161 3.01 -44.68 12.85
N VAL A 162 3.95 -44.26 13.70
CA VAL A 162 4.55 -45.11 14.71
C VAL A 162 4.46 -44.41 16.05
N THR A 163 4.05 -45.14 17.08
CA THR A 163 3.95 -44.60 18.43
C THR A 163 5.12 -45.12 19.26
N VAL A 164 5.88 -44.20 19.85
CA VAL A 164 7.05 -44.53 20.65
C VAL A 164 6.81 -44.07 22.08
N SER A 165 7.00 -44.99 23.03
CA SER A 165 6.91 -44.70 24.45
C SER A 165 8.20 -45.11 25.13
N TRP A 166 8.36 -44.70 26.39
CA TRP A 166 9.54 -45.01 27.16
C TRP A 166 9.14 -45.68 28.46
N ASN A 167 9.72 -46.86 28.73
CA ASN A 167 9.44 -47.63 29.93
C ASN A 167 7.95 -47.88 30.11
N SER A 168 7.28 -48.24 29.01
CA SER A 168 5.85 -48.55 28.98
C SER A 168 5.02 -47.36 29.48
N GLY A 169 5.44 -46.15 29.11
CA GLY A 169 4.73 -44.95 29.49
C GLY A 169 5.09 -44.38 30.84
N ALA A 170 6.04 -44.98 31.54
CA ALA A 170 6.46 -44.51 32.86
C ALA A 170 7.49 -43.39 32.79
N LEU A 171 7.92 -43.00 31.60
CA LEU A 171 8.90 -41.93 31.43
C LEU A 171 8.33 -40.92 30.43
N THR A 172 7.93 -39.76 30.95
CA THR A 172 7.34 -38.70 30.12
C THR A 172 8.16 -37.42 30.11
N SER A 173 8.88 -37.11 31.18
CA SER A 173 9.60 -35.85 31.30
C SER A 173 10.84 -35.86 30.41
N GLY A 174 11.01 -34.79 29.62
CA GLY A 174 12.18 -34.64 28.79
C GLY A 174 12.18 -35.44 27.50
N VAL A 175 11.04 -36.03 27.14
CA VAL A 175 10.95 -36.87 25.95
C VAL A 175 10.51 -36.02 24.76
N HIS A 176 11.23 -36.16 23.64
CA HIS A 176 10.90 -35.47 22.40
C HIS A 176 10.85 -36.50 21.28
N THR A 177 9.65 -36.78 20.78
CA THR A 177 9.47 -37.66 19.63
C THR A 177 9.30 -36.78 18.39
N PHE A 178 10.33 -36.77 17.54
CA PHE A 178 10.32 -35.88 16.40
C PHE A 178 9.38 -36.39 15.31
N PRO A 179 8.82 -35.48 14.51
CA PRO A 179 8.02 -35.92 13.36
C PRO A 179 8.85 -36.76 12.40
N ALA A 180 8.20 -37.75 11.80
CA ALA A 180 8.87 -38.60 10.83
C ALA A 180 9.26 -37.80 9.58
N VAL A 181 10.36 -38.21 8.97
CA VAL A 181 10.81 -37.65 7.70
C VAL A 181 10.77 -38.77 6.66
N LEU A 182 10.39 -38.40 5.44
CA LEU A 182 10.29 -39.37 4.34
C LEU A 182 11.64 -39.41 3.63
N GLN A 183 12.36 -40.52 3.79
CA GLN A 183 13.69 -40.65 3.20
C GLN A 183 13.59 -40.84 1.69
N SER A 184 14.74 -40.68 1.02
CA SER A 184 14.79 -40.82 -0.42
C SER A 184 14.46 -42.23 -0.87
N SER A 185 14.57 -43.22 0.01
CA SER A 185 14.19 -44.60 -0.30
C SER A 185 12.69 -44.80 -0.30
N GLY A 186 11.90 -43.80 0.09
CA GLY A 186 10.47 -43.93 0.20
C GLY A 186 9.98 -44.42 1.54
N LEU A 187 10.89 -44.72 2.47
CA LEU A 187 10.54 -45.18 3.81
C LEU A 187 10.75 -44.05 4.81
N TYR A 188 9.90 -44.05 5.84
CA TYR A 188 9.97 -43.02 6.87
C TYR A 188 11.02 -43.36 7.91
N SER A 189 11.59 -42.31 8.51
CA SER A 189 12.53 -42.43 9.60
C SER A 189 12.13 -41.46 10.71
N LEU A 190 12.36 -41.86 11.95
CA LEU A 190 11.93 -41.11 13.11
C LEU A 190 12.97 -41.23 14.21
N SER A 191 13.06 -40.18 15.03
CA SER A 191 13.96 -40.15 16.17
C SER A 191 13.15 -39.80 17.41
N SER A 192 13.32 -40.58 18.47
CA SER A 192 12.70 -40.31 19.76
C SER A 192 13.80 -40.28 20.81
N VAL A 193 13.94 -39.15 21.52
CA VAL A 193 15.02 -38.95 22.47
C VAL A 193 14.44 -38.56 23.82
N VAL A 194 15.27 -38.71 24.85
CA VAL A 194 14.91 -38.37 26.22
C VAL A 194 16.17 -37.97 26.97
N THR A 195 16.06 -36.93 27.78
CA THR A 195 17.16 -36.45 28.60
C THR A 195 16.95 -36.92 30.04
N VAL A 196 17.96 -37.56 30.60
CA VAL A 196 17.87 -38.14 31.95
C VAL A 196 19.09 -37.69 32.74
N PRO A 197 18.99 -37.66 34.06
CA PRO A 197 20.16 -37.33 34.89
C PRO A 197 21.28 -38.35 34.67
N SER A 198 22.51 -37.86 34.70
CA SER A 198 23.66 -38.76 34.56
C SER A 198 23.72 -39.78 35.69
N SER A 199 23.20 -39.42 36.87
CA SER A 199 23.21 -40.33 38.00
C SER A 199 22.37 -41.57 37.71
N SER A 200 21.23 -41.41 37.04
CA SER A 200 20.30 -42.50 36.81
C SER A 200 20.78 -43.49 35.76
N LEU A 201 21.86 -43.19 35.03
CA LEU A 201 22.30 -44.09 33.96
C LEU A 201 22.72 -45.45 34.51
N GLY A 202 23.39 -45.48 35.65
CA GLY A 202 23.85 -46.74 36.20
C GLY A 202 22.76 -47.58 36.81
N THR A 203 21.68 -46.94 37.27
CA THR A 203 20.63 -47.62 38.02
C THR A 203 19.41 -47.97 37.17
N GLN A 204 18.91 -47.03 36.38
CA GLN A 204 17.64 -47.19 35.69
C GLN A 204 17.82 -47.85 34.34
N THR A 205 16.95 -48.81 34.04
CA THR A 205 16.91 -49.46 32.74
C THR A 205 15.96 -48.69 31.82
N TYR A 206 16.46 -48.31 30.64
CA TYR A 206 15.68 -47.55 29.66
C TYR A 206 15.38 -48.42 28.45
N ILE A 207 14.10 -48.62 28.18
CA ILE A 207 13.63 -49.40 27.04
C ILE A 207 12.59 -48.58 26.29
N CYS A 208 12.80 -48.38 24.99
CA CYS A 208 11.85 -47.68 24.16
C CYS A 208 10.91 -48.69 23.50
N ASN A 209 9.61 -48.40 23.54
CA ASN A 209 8.58 -49.28 22.98
C ASN A 209 8.05 -48.65 21.70
N VAL A 210 8.44 -49.21 20.56
CA VAL A 210 8.01 -48.73 19.26
C VAL A 210 6.88 -49.64 18.77
N ASN A 211 5.74 -49.04 18.44
CA ASN A 211 4.57 -49.76 17.98
C ASN A 211 4.22 -49.28 16.58
N HIS A 212 4.14 -50.22 15.63
CA HIS A 212 3.75 -49.92 14.25
C HIS A 212 2.57 -50.83 13.92
N LYS A 213 1.36 -50.27 14.05
CA LYS A 213 0.15 -51.03 13.77
C LYS A 213 0.03 -51.50 12.32
N PRO A 214 0.35 -50.71 11.30
CA PRO A 214 0.18 -51.21 9.92
C PRO A 214 0.92 -52.50 9.63
N SER A 215 2.12 -52.69 10.19
CA SER A 215 2.86 -53.93 10.02
C SER A 215 2.73 -54.85 11.22
N ASN A 216 1.96 -54.46 12.24
CA ASN A 216 1.73 -55.28 13.43
C ASN A 216 3.04 -55.64 14.12
N THR A 217 3.96 -54.68 14.18
CA THR A 217 5.29 -54.88 14.74
C THR A 217 5.42 -54.08 16.04
N LYS A 218 5.69 -54.79 17.14
CA LYS A 218 5.93 -54.18 18.44
C LYS A 218 7.36 -54.52 18.86
N VAL A 219 8.18 -53.50 19.06
CA VAL A 219 9.60 -53.67 19.37
C VAL A 219 9.90 -53.01 20.70
N ASP A 220 10.60 -53.75 21.57
CA ASP A 220 11.07 -53.25 22.86
C ASP A 220 12.59 -53.31 22.87
N LYS A 221 13.24 -52.20 22.52
CA LYS A 221 14.69 -52.11 22.43
C LYS A 221 15.24 -51.43 23.68
N LYS A 222 16.18 -52.09 24.34
CA LYS A 222 16.85 -51.53 25.51
C LYS A 222 18.07 -50.74 25.06
N VAL A 223 18.18 -49.51 25.56
CA VAL A 223 19.31 -48.64 25.28
C VAL A 223 20.25 -48.66 26.49
N GLU A 224 21.52 -48.98 26.24
CA GLU A 224 22.49 -49.10 27.32
C GLU A 224 23.68 -48.17 27.06
N PRO A 225 24.34 -47.70 28.12
CA PRO A 225 25.40 -46.70 27.95
C PRO A 225 26.60 -47.22 27.17
N LYS A 226 27.31 -46.28 26.55
CA LYS A 226 28.53 -46.60 25.81
C LYS A 226 29.66 -46.96 26.76
N SER A 227 30.55 -47.82 26.29
CA SER A 227 31.72 -48.22 27.06
C SER A 227 32.94 -47.39 26.68
N GLU B 1 6.09 -13.60 -13.68
CA GLU B 1 5.61 -14.10 -12.40
C GLU B 1 5.92 -13.11 -11.28
N ILE B 2 4.96 -12.94 -10.37
CA ILE B 2 5.11 -12.05 -9.22
C ILE B 2 5.48 -12.90 -8.02
N VAL B 3 6.51 -12.48 -7.29
CA VAL B 3 7.01 -13.20 -6.12
C VAL B 3 6.60 -12.43 -4.87
N LEU B 4 5.97 -13.13 -3.93
CA LEU B 4 5.62 -12.56 -2.64
C LEU B 4 6.68 -12.96 -1.62
N THR B 5 7.14 -11.98 -0.85
CA THR B 5 8.10 -12.20 0.23
C THR B 5 7.48 -11.74 1.54
N GLN B 6 7.77 -12.47 2.61
CA GLN B 6 7.28 -12.14 3.93
C GLN B 6 8.45 -12.00 4.90
N SER B 7 8.39 -10.96 5.73
CA SER B 7 9.40 -10.72 6.74
C SER B 7 8.69 -10.27 8.02
N PRO B 8 9.16 -10.73 9.18
CA PRO B 8 10.26 -11.66 9.39
C PRO B 8 9.82 -13.10 9.17
N ALA B 9 10.75 -14.07 9.15
CA ALA B 9 10.34 -15.46 9.06
C ALA B 9 9.63 -15.91 10.32
N THR B 10 10.00 -15.32 11.47
CA THR B 10 9.38 -15.65 12.75
C THR B 10 9.21 -14.37 13.56
N LEU B 11 8.04 -14.22 14.17
CA LEU B 11 7.75 -13.11 15.08
C LEU B 11 7.59 -13.68 16.47
N SER B 12 8.40 -13.18 17.41
CA SER B 12 8.35 -13.62 18.80
C SER B 12 7.64 -12.55 19.62
N LEU B 13 6.45 -12.88 20.13
CA LEU B 13 5.67 -11.96 20.94
C LEU B 13 4.96 -12.72 22.05
N SER B 14 4.76 -12.02 23.16
CA SER B 14 3.98 -12.57 24.27
C SER B 14 2.49 -12.35 24.01
N PRO B 15 1.63 -13.12 24.69
CA PRO B 15 0.18 -12.90 24.54
C PRO B 15 -0.21 -11.48 24.95
N GLY B 16 -1.14 -10.91 24.21
CA GLY B 16 -1.59 -9.56 24.44
C GLY B 16 -0.85 -8.49 23.67
N GLU B 17 0.27 -8.85 23.02
CA GLU B 17 1.04 -7.89 22.25
C GLU B 17 0.47 -7.72 20.85
N ARG B 18 0.97 -6.71 20.14
CA ARG B 18 0.50 -6.38 18.80
C ARG B 18 1.49 -6.93 17.77
N ALA B 19 1.00 -7.83 16.92
CA ALA B 19 1.81 -8.45 15.88
C ALA B 19 1.59 -7.74 14.55
N THR B 20 2.69 -7.38 13.89
CA THR B 20 2.64 -6.69 12.60
C THR B 20 3.47 -7.47 11.59
N LEU B 21 2.79 -8.17 10.68
CA LEU B 21 3.45 -8.93 9.62
C LEU B 21 3.38 -8.16 8.32
N SER B 22 4.45 -8.22 7.53
CA SER B 22 4.53 -7.51 6.26
C SER B 22 4.66 -8.49 5.12
N CYS B 23 4.19 -8.08 3.95
CA CYS B 23 4.26 -8.88 2.73
C CYS B 23 4.53 -7.96 1.56
N ARG B 24 5.63 -8.22 0.84
CA ARG B 24 6.05 -7.43 -0.30
C ARG B 24 5.92 -8.24 -1.58
N ALA B 25 5.71 -7.53 -2.69
CA ALA B 25 5.56 -8.14 -4.00
C ALA B 25 6.65 -7.64 -4.94
N SER B 26 7.04 -8.48 -5.91
CA SER B 26 8.04 -8.07 -6.87
C SER B 26 7.56 -6.90 -7.72
N GLN B 27 6.30 -6.93 -8.13
CA GLN B 27 5.68 -5.82 -8.84
C GLN B 27 4.29 -5.60 -8.25
N SER B 28 3.60 -4.58 -8.75
CA SER B 28 2.34 -4.16 -8.14
C SER B 28 1.24 -5.19 -8.37
N VAL B 29 0.51 -5.51 -7.31
CA VAL B 29 -0.65 -6.40 -7.36
C VAL B 29 -1.94 -5.65 -7.05
N SER B 30 -1.88 -4.33 -6.96
CA SER B 30 -3.04 -3.48 -6.61
C SER B 30 -3.54 -3.96 -5.25
N SER B 31 -4.85 -4.14 -5.06
CA SER B 31 -5.41 -4.62 -3.80
C SER B 31 -5.84 -6.09 -3.87
N ASP B 32 -5.32 -6.84 -4.83
CA ASP B 32 -5.69 -8.25 -5.01
C ASP B 32 -4.78 -9.15 -4.17
N LEU B 33 -4.81 -8.89 -2.86
CA LEU B 33 -3.97 -9.62 -1.92
C LEU B 33 -4.82 -10.13 -0.76
N ALA B 34 -4.49 -11.32 -0.27
CA ALA B 34 -5.24 -11.97 0.80
C ALA B 34 -4.29 -12.53 1.84
N TRP B 35 -4.83 -12.73 3.05
CA TRP B 35 -4.08 -13.29 4.16
C TRP B 35 -4.78 -14.54 4.69
N TYR B 36 -3.99 -15.50 5.16
CA TYR B 36 -4.51 -16.76 5.67
C TYR B 36 -3.79 -17.11 6.97
N GLN B 37 -4.51 -17.80 7.85
CA GLN B 37 -3.95 -18.35 9.08
C GLN B 37 -4.04 -19.86 9.03
N GLN B 38 -2.91 -20.54 9.24
CA GLN B 38 -2.85 -21.99 9.24
C GLN B 38 -2.25 -22.49 10.55
N ARG B 39 -3.02 -23.26 11.28
CA ARG B 39 -2.57 -23.96 12.47
C ARG B 39 -1.98 -25.30 12.10
N PRO B 40 -1.12 -25.88 12.95
CA PRO B 40 -0.52 -27.18 12.62
C PRO B 40 -1.57 -28.26 12.39
N GLY B 41 -1.50 -28.90 11.23
CA GLY B 41 -2.40 -30.00 10.92
C GLY B 41 -3.77 -29.61 10.43
N GLN B 42 -3.97 -28.36 10.02
CA GLN B 42 -5.26 -27.88 9.55
C GLN B 42 -5.11 -27.19 8.21
N ALA B 43 -6.23 -27.06 7.51
CA ALA B 43 -6.26 -26.30 6.27
C ALA B 43 -6.13 -24.81 6.57
N PRO B 44 -5.59 -24.02 5.64
CA PRO B 44 -5.55 -22.57 5.83
C PRO B 44 -6.95 -21.99 5.94
N ARG B 45 -7.07 -20.94 6.75
CA ARG B 45 -8.33 -20.25 6.96
C ARG B 45 -8.17 -18.79 6.54
N LEU B 46 -9.08 -18.32 5.69
CA LEU B 46 -8.98 -16.96 5.17
C LEU B 46 -9.24 -15.95 6.27
N LEU B 47 -8.39 -14.91 6.34
CA LEU B 47 -8.55 -13.83 7.29
C LEU B 47 -9.00 -12.53 6.64
N ILE B 48 -8.33 -12.11 5.57
CA ILE B 48 -8.59 -10.81 4.95
C ILE B 48 -8.44 -10.95 3.44
N TYR B 49 -9.42 -10.45 2.70
CA TYR B 49 -9.36 -10.34 1.25
C TYR B 49 -9.44 -8.87 0.86
N ASP B 50 -9.03 -8.58 -0.38
CA ASP B 50 -8.88 -7.21 -0.87
C ASP B 50 -7.89 -6.40 -0.04
N ALA B 51 -7.09 -7.10 0.77
CA ALA B 51 -6.01 -6.53 1.56
C ALA B 51 -6.52 -5.68 2.73
N SER B 52 -7.83 -5.45 2.80
CA SER B 52 -8.38 -4.58 3.84
C SER B 52 -9.59 -5.17 4.53
N ASN B 53 -10.33 -6.04 3.86
CA ASN B 53 -11.63 -6.48 4.35
C ASN B 53 -11.49 -7.77 5.15
N ARG B 54 -12.03 -7.77 6.37
CA ARG B 54 -12.07 -8.99 7.15
C ARG B 54 -13.05 -9.99 6.55
N ALA B 55 -12.72 -11.27 6.69
CA ALA B 55 -13.62 -12.32 6.24
C ALA B 55 -14.80 -12.42 7.21
N THR B 56 -15.74 -13.30 6.89
CA THR B 56 -16.94 -13.43 7.70
C THR B 56 -16.63 -14.12 9.02
N GLY B 57 -16.94 -13.45 10.12
CA GLY B 57 -16.72 -14.00 11.44
C GLY B 57 -15.29 -13.95 11.93
N ILE B 58 -14.41 -13.24 11.24
CA ILE B 58 -13.04 -13.08 11.70
C ILE B 58 -13.00 -11.97 12.75
N PRO B 59 -12.40 -12.21 13.92
CA PRO B 59 -12.46 -11.21 14.99
C PRO B 59 -11.84 -9.88 14.57
N ALA B 60 -12.37 -8.79 15.13
CA ALA B 60 -12.00 -7.44 14.75
C ALA B 60 -10.57 -7.09 15.09
N ARG B 61 -9.90 -7.89 15.92
CA ARG B 61 -8.50 -7.61 16.22
C ARG B 61 -7.60 -7.84 15.01
N PHE B 62 -8.10 -8.48 13.95
CA PHE B 62 -7.37 -8.67 12.71
C PHE B 62 -7.69 -7.52 11.77
N SER B 63 -6.65 -6.86 11.26
CA SER B 63 -6.81 -5.74 10.35
C SER B 63 -5.81 -5.88 9.21
N GLY B 64 -6.20 -5.36 8.05
CA GLY B 64 -5.34 -5.42 6.89
C GLY B 64 -5.26 -4.06 6.21
N SER B 65 -4.08 -3.80 5.66
CA SER B 65 -3.82 -2.53 4.97
C SER B 65 -2.79 -2.77 3.88
N GLY B 66 -2.67 -1.79 3.01
CA GLY B 66 -1.64 -1.81 1.99
C GLY B 66 -2.23 -2.00 0.60
N SER B 67 -1.53 -1.47 -0.39
CA SER B 67 -1.93 -1.62 -1.79
C SER B 67 -0.70 -1.42 -2.65
N GLY B 68 -0.67 -2.13 -3.78
CA GLY B 68 0.45 -2.03 -4.69
C GLY B 68 1.51 -3.08 -4.43
N THR B 69 2.56 -2.72 -3.70
CA THR B 69 3.67 -3.63 -3.45
C THR B 69 3.98 -3.82 -1.97
N ASP B 70 3.25 -3.17 -1.06
CA ASP B 70 3.51 -3.27 0.37
C ASP B 70 2.18 -3.50 1.08
N PHE B 71 2.14 -4.55 1.89
CA PHE B 71 0.94 -4.92 2.64
C PHE B 71 1.34 -5.31 4.05
N THR B 72 0.46 -5.06 5.01
CA THR B 72 0.69 -5.44 6.40
C THR B 72 -0.57 -6.00 7.02
N LEU B 73 -0.39 -7.09 7.77
CA LEU B 73 -1.43 -7.65 8.63
C LEU B 73 -1.14 -7.29 10.08
N THR B 74 -2.17 -6.88 10.81
CA THR B 74 -1.99 -6.40 12.18
C THR B 74 -3.03 -7.03 13.10
N ILE B 75 -2.55 -7.63 14.19
CA ILE B 75 -3.38 -8.16 15.25
C ILE B 75 -3.12 -7.31 16.49
N SER B 76 -4.13 -6.55 16.92
CA SER B 76 -3.92 -5.56 17.97
C SER B 76 -3.49 -6.21 19.28
N SER B 77 -4.12 -7.32 19.65
CA SER B 77 -3.79 -8.04 20.88
C SER B 77 -3.81 -9.53 20.58
N LEU B 78 -2.67 -10.18 20.74
CA LEU B 78 -2.54 -11.59 20.39
C LEU B 78 -3.31 -12.46 21.39
N GLU B 79 -4.05 -13.41 20.87
CA GLU B 79 -4.68 -14.45 21.67
C GLU B 79 -3.86 -15.73 21.57
N PRO B 80 -3.99 -16.64 22.54
CA PRO B 80 -3.28 -17.92 22.43
C PRO B 80 -3.67 -18.72 21.20
N GLU B 81 -4.87 -18.50 20.67
CA GLU B 81 -5.32 -19.15 19.44
C GLU B 81 -4.69 -18.56 18.19
N ASP B 82 -3.98 -17.44 18.32
CA ASP B 82 -3.44 -16.72 17.16
C ASP B 82 -1.98 -17.04 16.90
N PHE B 83 -1.38 -17.96 17.65
CA PHE B 83 0.02 -18.33 17.43
C PHE B 83 0.06 -19.44 16.39
N ALA B 84 0.16 -19.05 15.14
CA ALA B 84 0.21 -19.98 14.01
C ALA B 84 1.01 -19.35 12.88
N VAL B 85 0.94 -19.95 11.70
CA VAL B 85 1.64 -19.45 10.52
C VAL B 85 0.66 -18.64 9.69
N TYR B 86 1.12 -17.51 9.15
CA TYR B 86 0.30 -16.61 8.37
C TYR B 86 0.86 -16.52 6.96
N TYR B 87 0.01 -16.80 5.97
CA TYR B 87 0.43 -16.86 4.58
C TYR B 87 -0.13 -15.68 3.79
N CYS B 88 0.67 -15.20 2.85
CA CYS B 88 0.31 -14.10 1.96
C CYS B 88 -0.07 -14.66 0.60
N GLN B 89 -1.06 -14.05 -0.04
CA GLN B 89 -1.54 -14.54 -1.32
C GLN B 89 -1.84 -13.38 -2.25
N GLN B 90 -1.78 -13.66 -3.55
CA GLN B 90 -2.02 -12.65 -4.56
C GLN B 90 -2.52 -13.32 -5.84
N ARG B 91 -3.18 -12.55 -6.68
CA ARG B 91 -3.50 -12.99 -8.04
C ARG B 91 -3.06 -11.93 -9.04
N SER B 92 -2.36 -12.37 -10.08
CA SER B 92 -1.87 -11.46 -11.11
C SER B 92 -1.72 -12.23 -12.40
N ASN B 93 -1.56 -11.50 -13.50
CA ASN B 93 -1.53 -12.08 -14.84
C ASN B 93 -2.56 -13.19 -14.95
N TRP B 94 -2.08 -14.43 -15.04
CA TRP B 94 -2.92 -15.63 -15.03
C TRP B 94 -2.31 -16.60 -14.02
N GLY B 95 -2.58 -16.37 -12.73
CA GLY B 95 -2.04 -17.23 -11.70
C GLY B 95 -2.19 -16.74 -10.28
N PHE B 96 -2.01 -17.65 -9.31
CA PHE B 96 -2.02 -17.32 -7.89
C PHE B 96 -0.72 -17.80 -7.26
N THR B 97 -0.08 -16.93 -6.48
CA THR B 97 1.13 -17.28 -5.76
C THR B 97 0.96 -17.01 -4.26
N PHE B 98 1.78 -17.70 -3.47
CA PHE B 98 1.77 -17.55 -2.01
C PHE B 98 3.12 -17.06 -1.52
N GLY B 99 3.11 -16.41 -0.37
CA GLY B 99 4.33 -16.03 0.31
C GLY B 99 4.90 -17.17 1.12
N PRO B 100 6.15 -17.01 1.53
CA PRO B 100 6.80 -18.06 2.33
C PRO B 100 6.13 -18.34 3.66
N GLY B 101 5.41 -17.37 4.21
CA GLY B 101 4.73 -17.56 5.49
C GLY B 101 5.55 -17.06 6.66
N THR B 102 4.85 -16.69 7.73
CA THR B 102 5.48 -16.20 8.96
C THR B 102 4.82 -16.87 10.15
N LYS B 103 5.62 -17.56 10.96
CA LYS B 103 5.13 -18.20 12.17
C LYS B 103 5.29 -17.24 13.36
N VAL B 104 4.20 -17.08 14.11
CA VAL B 104 4.19 -16.24 15.31
C VAL B 104 4.43 -17.15 16.51
N ASP B 105 5.57 -16.96 17.17
CA ASP B 105 5.98 -17.77 18.31
C ASP B 105 5.60 -17.12 19.63
N ILE B 106 5.90 -17.84 20.70
CA ILE B 106 5.71 -17.37 22.07
C ILE B 106 7.07 -16.86 22.54
N LYS B 107 7.13 -15.58 22.90
CA LYS B 107 8.40 -14.98 23.27
C LYS B 107 8.91 -15.55 24.59
N ARG B 108 10.19 -15.91 24.61
CA ARG B 108 10.87 -16.38 25.80
C ARG B 108 12.32 -15.92 25.76
N THR B 109 13.05 -16.27 26.80
CA THR B 109 14.48 -15.94 26.87
C THR B 109 15.26 -16.82 25.92
N VAL B 110 16.35 -16.27 25.37
CA VAL B 110 17.18 -17.02 24.43
C VAL B 110 17.86 -18.16 25.17
N ALA B 111 17.61 -19.38 24.72
CA ALA B 111 18.18 -20.58 25.31
C ALA B 111 19.11 -21.25 24.31
N ALA B 112 20.34 -21.51 24.73
CA ALA B 112 21.29 -22.18 23.85
C ALA B 112 20.90 -23.65 23.67
N PRO B 113 21.14 -24.20 22.47
CA PRO B 113 20.82 -25.62 22.25
C PRO B 113 21.81 -26.54 22.95
N SER B 114 21.29 -27.65 23.48
CA SER B 114 22.11 -28.72 24.01
C SER B 114 22.41 -29.69 22.87
N VAL B 115 23.68 -29.78 22.48
CA VAL B 115 24.08 -30.52 21.28
C VAL B 115 24.63 -31.87 21.69
N PHE B 116 24.06 -32.93 21.13
CA PHE B 116 24.55 -34.28 21.33
C PHE B 116 24.71 -34.96 19.98
N ILE B 117 25.65 -35.88 19.89
CA ILE B 117 25.93 -36.63 18.67
C ILE B 117 25.96 -38.11 18.99
N PHE B 118 25.33 -38.91 18.13
CA PHE B 118 25.21 -40.35 18.33
C PHE B 118 25.79 -41.09 17.13
N PRO B 119 26.89 -41.80 17.28
CA PRO B 119 27.43 -42.61 16.18
C PRO B 119 26.50 -43.77 15.87
N PRO B 120 26.53 -44.30 14.65
CA PRO B 120 25.63 -45.40 14.29
C PRO B 120 25.89 -46.63 15.15
N SER B 121 24.80 -47.29 15.54
CA SER B 121 24.89 -48.48 16.35
C SER B 121 25.42 -49.65 15.52
N ASP B 122 25.91 -50.69 16.22
CA ASP B 122 26.45 -51.84 15.53
C ASP B 122 25.37 -52.63 14.82
N GLU B 123 24.13 -52.61 15.33
CA GLU B 123 23.04 -53.33 14.68
C GLU B 123 22.78 -52.78 13.28
N GLN B 124 22.74 -51.46 13.14
CA GLN B 124 22.51 -50.84 11.84
C GLN B 124 23.77 -50.89 10.97
N LEU B 125 24.95 -50.77 11.58
CA LEU B 125 26.19 -50.76 10.81
C LEU B 125 26.42 -52.09 10.11
N LYS B 126 25.89 -53.19 10.66
CA LYS B 126 26.00 -54.47 9.97
C LYS B 126 25.15 -54.50 8.71
N SER B 127 24.05 -53.75 8.68
CA SER B 127 23.12 -53.74 7.57
C SER B 127 23.58 -52.86 6.40
N GLY B 128 24.83 -52.40 6.42
CA GLY B 128 25.37 -51.62 5.32
C GLY B 128 25.02 -50.15 5.33
N THR B 129 24.29 -49.67 6.33
CA THR B 129 23.87 -48.28 6.39
C THR B 129 24.25 -47.70 7.74
N ALA B 130 24.75 -46.47 7.74
CA ALA B 130 25.13 -45.76 8.96
C ALA B 130 24.33 -44.48 9.06
N SER B 131 23.72 -44.26 10.22
CA SER B 131 22.94 -43.04 10.49
C SER B 131 23.48 -42.38 11.74
N VAL B 132 24.13 -41.23 11.57
CA VAL B 132 24.61 -40.44 12.68
C VAL B 132 23.55 -39.40 13.03
N VAL B 133 23.14 -39.38 14.30
CA VAL B 133 22.04 -38.54 14.75
C VAL B 133 22.62 -37.40 15.57
N CYS B 134 22.25 -36.18 15.25
CA CYS B 134 22.66 -34.99 15.99
C CYS B 134 21.41 -34.35 16.58
N LEU B 135 21.45 -34.04 17.87
CA LEU B 135 20.30 -33.55 18.60
C LEU B 135 20.58 -32.15 19.15
N LEU B 136 19.65 -31.23 18.91
CA LEU B 136 19.67 -29.89 19.48
C LEU B 136 18.46 -29.80 20.40
N ASN B 137 18.71 -29.69 21.70
CA ASN B 137 17.66 -29.85 22.70
C ASN B 137 17.37 -28.53 23.39
N ASN B 138 16.10 -28.13 23.38
CA ASN B 138 15.56 -27.06 24.21
C ASN B 138 16.30 -25.73 23.97
N PHE B 139 16.13 -25.22 22.75
CA PHE B 139 16.74 -23.96 22.34
C PHE B 139 15.67 -22.97 21.92
N TYR B 140 16.10 -21.72 21.76
CA TYR B 140 15.23 -20.64 21.30
C TYR B 140 16.11 -19.50 20.83
N PRO B 141 15.81 -18.85 19.69
CA PRO B 141 14.64 -19.05 18.80
C PRO B 141 14.76 -20.30 17.95
N ARG B 142 13.79 -20.53 17.04
CA ARG B 142 13.80 -21.75 16.24
C ARG B 142 14.89 -21.74 15.16
N GLU B 143 15.40 -20.57 14.81
CA GLU B 143 16.45 -20.50 13.79
C GLU B 143 17.74 -21.12 14.32
N ALA B 144 18.17 -22.20 13.69
CA ALA B 144 19.40 -22.88 14.07
C ALA B 144 19.92 -23.62 12.85
N LYS B 145 21.21 -23.46 12.56
CA LYS B 145 21.85 -24.07 11.41
C LYS B 145 22.63 -25.30 11.87
N VAL B 146 22.37 -26.44 11.24
CA VAL B 146 23.06 -27.68 11.52
C VAL B 146 23.80 -28.08 10.26
N GLN B 147 25.11 -28.25 10.38
CA GLN B 147 25.97 -28.60 9.25
C GLN B 147 26.79 -29.84 9.61
N TRP B 148 26.79 -30.82 8.73
CA TRP B 148 27.61 -31.99 8.90
C TRP B 148 28.96 -31.77 8.25
N LYS B 149 30.03 -32.17 8.95
CA LYS B 149 31.39 -32.07 8.43
C LYS B 149 32.07 -33.42 8.63
N VAL B 150 32.43 -34.05 7.52
CA VAL B 150 33.15 -35.32 7.53
C VAL B 150 34.57 -35.02 7.11
N ASP B 151 35.51 -35.14 8.05
CA ASP B 151 36.90 -34.75 7.84
C ASP B 151 37.00 -33.32 7.34
N ASN B 152 36.26 -32.42 7.99
CA ASN B 152 36.24 -30.97 7.76
C ASN B 152 35.67 -30.59 6.40
N ALA B 153 35.15 -31.54 5.64
CA ALA B 153 34.53 -31.25 4.36
C ALA B 153 33.03 -31.19 4.56
N LEU B 154 32.41 -30.07 4.16
CA LEU B 154 30.99 -29.87 4.41
C LEU B 154 30.17 -30.86 3.58
N GLN B 155 29.25 -31.55 4.24
CA GLN B 155 28.36 -32.48 3.56
C GLN B 155 27.19 -31.73 2.93
N SER B 156 26.61 -32.34 1.90
CA SER B 156 25.49 -31.73 1.19
C SER B 156 24.64 -32.83 0.55
N GLY B 157 23.33 -32.78 0.80
CA GLY B 157 22.41 -33.68 0.14
C GLY B 157 22.33 -35.07 0.71
N ASN B 158 22.83 -35.30 1.92
CA ASN B 158 22.78 -36.62 2.53
C ASN B 158 22.33 -36.56 3.99
N SER B 159 21.55 -35.54 4.34
CA SER B 159 21.04 -35.40 5.70
C SER B 159 19.61 -34.90 5.67
N GLN B 160 18.84 -35.24 6.70
CA GLN B 160 17.46 -34.80 6.84
C GLN B 160 17.24 -34.30 8.26
N GLU B 161 16.41 -33.25 8.38
CA GLU B 161 16.16 -32.61 9.67
C GLU B 161 14.69 -32.74 10.06
N SER B 162 14.44 -32.71 11.36
CA SER B 162 13.09 -32.73 11.90
C SER B 162 13.03 -31.82 13.12
N VAL B 163 12.07 -30.90 13.15
CA VAL B 163 11.93 -29.91 14.19
C VAL B 163 10.59 -30.12 14.89
N THR B 164 10.61 -30.09 16.23
CA THR B 164 9.39 -30.26 17.00
C THR B 164 8.60 -28.95 17.05
N GLU B 165 7.34 -29.07 17.44
CA GLU B 165 6.53 -27.90 17.73
C GLU B 165 7.02 -27.24 19.02
N GLN B 166 6.70 -25.95 19.16
CA GLN B 166 7.11 -25.22 20.35
C GLN B 166 6.52 -25.88 21.60
N ASP B 167 7.37 -26.11 22.59
CA ASP B 167 6.99 -26.93 23.74
C ASP B 167 5.93 -26.23 24.59
N SER B 168 5.09 -27.05 25.23
CA SER B 168 3.99 -26.52 26.03
C SER B 168 4.49 -25.78 27.26
N LYS B 169 5.53 -26.29 27.92
CA LYS B 169 5.92 -25.78 29.23
C LYS B 169 6.95 -24.66 29.15
N ASP B 170 8.06 -24.88 28.46
CA ASP B 170 9.13 -23.89 28.40
C ASP B 170 9.22 -23.20 27.04
N SER B 171 8.35 -23.53 26.09
CA SER B 171 8.26 -22.83 24.81
C SER B 171 9.58 -22.88 24.04
N THR B 172 10.27 -24.02 24.12
CA THR B 172 11.53 -24.22 23.44
C THR B 172 11.35 -25.17 22.27
N TYR B 173 12.39 -25.27 21.45
CA TYR B 173 12.41 -26.12 20.27
C TYR B 173 13.45 -27.23 20.41
N SER B 174 13.29 -28.25 19.58
CA SER B 174 14.24 -29.35 19.49
C SER B 174 14.37 -29.78 18.04
N LEU B 175 15.57 -30.19 17.65
CA LEU B 175 15.88 -30.54 16.28
C LEU B 175 16.71 -31.82 16.26
N SER B 176 16.43 -32.69 15.30
CA SER B 176 17.20 -33.91 15.08
C SER B 176 17.59 -33.99 13.61
N SER B 177 18.89 -34.16 13.35
CA SER B 177 19.41 -34.29 12.00
C SER B 177 20.02 -35.68 11.85
N THR B 178 19.61 -36.40 10.82
CA THR B 178 20.08 -37.75 10.56
C THR B 178 20.94 -37.74 9.32
N LEU B 179 22.22 -38.07 9.48
CA LEU B 179 23.17 -38.18 8.37
C LEU B 179 23.26 -39.66 7.99
N THR B 180 22.67 -40.03 6.86
CA THR B 180 22.62 -41.40 6.40
C THR B 180 23.65 -41.60 5.30
N LEU B 181 24.58 -42.53 5.50
CA LEU B 181 25.61 -42.83 4.53
C LEU B 181 25.76 -44.34 4.41
N SER B 182 26.50 -44.76 3.40
CA SER B 182 26.80 -46.17 3.22
C SER B 182 27.89 -46.62 4.21
N LYS B 183 27.95 -47.92 4.44
CA LYS B 183 28.99 -48.48 5.31
C LYS B 183 30.38 -48.23 4.73
N ALA B 184 30.53 -48.36 3.41
CA ALA B 184 31.82 -48.14 2.78
C ALA B 184 32.30 -46.70 2.95
N ASP B 185 31.42 -45.73 2.65
CA ASP B 185 31.80 -44.33 2.80
C ASP B 185 32.02 -43.96 4.26
N TYR B 186 31.32 -44.63 5.19
CA TYR B 186 31.55 -44.39 6.60
C TYR B 186 32.95 -44.81 7.01
N GLU B 187 33.44 -45.91 6.45
CA GLU B 187 34.77 -46.43 6.76
C GLU B 187 35.87 -45.75 5.96
N LYS B 188 35.53 -44.84 5.05
CA LYS B 188 36.52 -44.06 4.32
C LYS B 188 36.90 -42.78 5.05
N HIS B 189 36.34 -42.53 6.24
CA HIS B 189 36.66 -41.35 7.03
C HIS B 189 36.64 -41.72 8.50
N LYS B 190 37.22 -40.85 9.33
CA LYS B 190 37.28 -41.06 10.77
C LYS B 190 36.55 -39.99 11.55
N VAL B 191 36.79 -38.71 11.26
CA VAL B 191 36.23 -37.62 12.04
C VAL B 191 34.85 -37.27 11.49
N TYR B 192 33.84 -37.34 12.36
CA TYR B 192 32.47 -36.98 12.02
C TYR B 192 31.99 -35.92 13.00
N ALA B 193 31.66 -34.74 12.47
CA ALA B 193 31.36 -33.57 13.28
C ALA B 193 30.00 -33.01 12.94
N CYS B 194 29.27 -32.59 13.97
CA CYS B 194 28.02 -31.86 13.83
C CYS B 194 28.25 -30.44 14.35
N GLU B 195 28.06 -29.46 13.47
CA GLU B 195 28.33 -28.06 13.80
C GLU B 195 27.01 -27.30 13.89
N VAL B 196 26.80 -26.61 15.00
CA VAL B 196 25.55 -25.92 15.30
C VAL B 196 25.84 -24.43 15.38
N THR B 197 25.12 -23.65 14.57
CA THR B 197 25.17 -22.19 14.63
C THR B 197 23.83 -21.69 15.17
N HIS B 198 23.88 -20.93 16.26
CA HIS B 198 22.66 -20.47 16.91
C HIS B 198 22.90 -19.09 17.50
N GLN B 199 21.80 -18.38 17.74
CA GLN B 199 21.88 -17.05 18.34
C GLN B 199 22.40 -17.13 19.77
N GLY B 200 21.97 -18.13 20.53
CA GLY B 200 22.35 -18.30 21.91
C GLY B 200 23.75 -18.83 22.15
N LEU B 201 24.52 -19.07 21.10
CA LEU B 201 25.88 -19.57 21.21
C LEU B 201 26.86 -18.49 20.77
N SER B 202 27.91 -18.29 21.57
CA SER B 202 28.92 -17.30 21.22
C SER B 202 29.73 -17.73 20.00
N SER B 203 29.95 -19.02 19.82
CA SER B 203 30.71 -19.56 18.71
C SER B 203 30.02 -20.83 18.22
N PRO B 204 30.22 -21.20 16.95
CA PRO B 204 29.65 -22.46 16.47
C PRO B 204 30.22 -23.64 17.23
N VAL B 205 29.34 -24.43 17.83
CA VAL B 205 29.75 -25.56 18.66
C VAL B 205 29.80 -26.81 17.79
N THR B 206 30.85 -27.60 17.99
CA THR B 206 31.09 -28.80 17.21
C THR B 206 31.17 -30.00 18.13
N LYS B 207 30.37 -31.03 17.83
CA LYS B 207 30.44 -32.31 18.53
C LYS B 207 31.02 -33.34 17.56
N SER B 208 32.18 -33.91 17.92
CA SER B 208 32.90 -34.80 17.04
C SER B 208 33.07 -36.16 17.69
N PHE B 209 33.26 -37.17 16.84
CA PHE B 209 33.63 -38.50 17.28
C PHE B 209 34.49 -39.15 16.20
N ASN B 210 35.30 -40.13 16.61
CA ASN B 210 36.15 -40.86 15.70
C ASN B 210 35.63 -42.28 15.53
N ARG B 211 35.60 -42.75 14.30
CA ARG B 211 35.09 -44.08 13.99
C ARG B 211 35.98 -45.17 14.58
N LYS C 8 -25.30 16.25 -20.73
CA LYS C 8 -26.27 16.58 -19.70
C LYS C 8 -26.20 15.58 -18.54
N GLU C 9 -25.67 14.39 -18.82
CA GLU C 9 -25.60 13.31 -17.84
C GLU C 9 -24.15 12.95 -17.59
N SER C 10 -23.75 13.00 -16.32
CA SER C 10 -22.42 12.62 -15.86
C SER C 10 -22.37 11.20 -15.33
N CYS C 11 -23.39 10.39 -15.66
CA CYS C 11 -23.52 9.05 -15.10
C CYS C 11 -22.49 8.11 -15.71
N ASN C 12 -21.54 7.67 -14.89
CA ASN C 12 -20.53 6.70 -15.28
C ASN C 12 -20.98 5.30 -14.85
N GLY C 13 -22.01 4.81 -15.53
CA GLY C 13 -22.56 3.51 -15.24
C GLY C 13 -23.85 3.23 -15.99
N LEU C 14 -24.86 2.73 -15.31
CA LEU C 14 -26.13 2.38 -15.94
C LEU C 14 -27.18 3.42 -15.57
N TYR C 15 -27.80 4.02 -16.57
CA TYR C 15 -28.83 5.05 -16.40
C TYR C 15 -30.10 4.52 -17.05
N TYR C 16 -31.18 4.40 -16.27
CA TYR C 16 -32.42 3.86 -16.81
C TYR C 16 -33.59 4.83 -16.77
N GLN C 17 -34.04 5.28 -15.59
CA GLN C 17 -35.12 6.29 -15.49
C GLN C 17 -34.74 7.28 -14.40
N GLY C 18 -33.90 8.24 -14.75
CA GLY C 18 -33.47 9.23 -13.77
C GLY C 18 -32.54 8.68 -12.72
N SER C 19 -32.45 7.36 -12.60
CA SER C 19 -31.60 6.70 -11.61
C SER C 19 -30.29 6.28 -12.28
N CYS C 20 -29.18 6.64 -11.66
CA CYS C 20 -27.85 6.29 -12.14
C CYS C 20 -27.26 5.25 -11.21
N TYR C 21 -26.97 4.07 -11.74
CA TYR C 21 -26.38 2.97 -10.98
C TYR C 21 -24.88 2.96 -11.24
N ILE C 22 -24.09 3.05 -10.18
CA ILE C 22 -22.63 3.05 -10.28
C ILE C 22 -22.12 1.77 -9.63
N LEU C 23 -21.30 1.04 -10.36
CA LEU C 23 -20.84 -0.26 -9.88
C LEU C 23 -19.70 -0.10 -8.89
N HIS C 24 -19.84 -0.77 -7.75
CA HIS C 24 -18.75 -0.94 -6.80
C HIS C 24 -18.30 -2.39 -6.93
N SER C 25 -17.14 -2.60 -7.54
CA SER C 25 -16.67 -3.95 -7.86
C SER C 25 -16.02 -4.64 -6.69
N ASP C 26 -15.90 -3.96 -5.54
CA ASP C 26 -15.38 -4.60 -4.35
C ASP C 26 -16.45 -5.47 -3.72
N TYR C 27 -16.07 -6.68 -3.33
CA TYR C 27 -16.99 -7.62 -2.71
C TYR C 27 -17.19 -7.26 -1.24
N LYS C 28 -18.44 -7.04 -0.86
CA LYS C 28 -18.79 -6.66 0.50
C LYS C 28 -20.00 -7.47 0.95
N SER C 29 -20.19 -7.53 2.27
CA SER C 29 -21.41 -8.12 2.80
C SER C 29 -22.60 -7.19 2.52
N PHE C 30 -23.81 -7.69 2.79
CA PHE C 30 -25.00 -6.87 2.54
C PHE C 30 -25.02 -5.62 3.40
N GLU C 31 -24.67 -5.74 4.68
CA GLU C 31 -24.68 -4.57 5.56
C GLU C 31 -23.60 -3.57 5.16
N ASP C 32 -22.41 -4.05 4.81
CA ASP C 32 -21.35 -3.15 4.38
C ASP C 32 -21.71 -2.46 3.08
N ALA C 33 -22.31 -3.19 2.13
CA ALA C 33 -22.72 -2.58 0.87
C ALA C 33 -23.81 -1.54 1.09
N LYS C 34 -24.78 -1.84 1.95
CA LYS C 34 -25.83 -0.87 2.26
C LYS C 34 -25.26 0.38 2.92
N ALA C 35 -24.33 0.20 3.86
CA ALA C 35 -23.70 1.34 4.52
C ALA C 35 -22.86 2.16 3.56
N ASN C 36 -22.16 1.49 2.63
CA ASN C 36 -21.33 2.21 1.68
C ASN C 36 -22.18 3.05 0.72
N CYS C 37 -23.28 2.49 0.23
CA CYS C 37 -24.19 3.28 -0.61
C CYS C 37 -24.77 4.43 0.20
N ALA C 38 -25.15 4.19 1.45
CA ALA C 38 -25.71 5.24 2.29
C ALA C 38 -24.69 6.35 2.53
N ALA C 39 -23.41 5.97 2.68
CA ALA C 39 -22.36 6.97 2.85
C ALA C 39 -22.20 7.82 1.61
N GLU C 40 -22.63 7.34 0.44
CA GLU C 40 -22.63 8.11 -0.79
C GLU C 40 -24.01 8.66 -1.12
N SER C 41 -24.90 8.76 -0.11
CA SER C 41 -26.25 9.27 -0.28
C SER C 41 -27.00 8.50 -1.36
N SER C 42 -26.85 7.17 -1.35
CA SER C 42 -27.45 6.30 -2.34
C SER C 42 -27.95 5.03 -1.65
N THR C 43 -28.66 4.21 -2.41
CA THR C 43 -29.19 2.94 -1.92
C THR C 43 -28.91 1.84 -2.93
N LEU C 44 -29.01 0.60 -2.45
CA LEU C 44 -28.87 -0.54 -3.33
C LEU C 44 -30.05 -0.62 -4.28
N PRO C 45 -29.87 -1.23 -5.46
CA PRO C 45 -30.98 -1.28 -6.43
C PRO C 45 -32.16 -2.05 -5.87
N ASN C 46 -33.36 -1.59 -6.22
CA ASN C 46 -34.57 -2.31 -5.87
C ASN C 46 -34.74 -3.46 -6.86
N LYS C 47 -35.00 -4.66 -6.33
CA LYS C 47 -35.10 -5.83 -7.19
C LYS C 47 -36.24 -5.67 -8.20
N SER C 48 -37.37 -5.13 -7.75
CA SER C 48 -38.52 -4.94 -8.62
C SER C 48 -38.29 -3.83 -9.64
N ASP C 49 -37.38 -2.89 -9.37
CA ASP C 49 -37.12 -1.80 -10.31
C ASP C 49 -36.27 -2.23 -11.49
N VAL C 50 -35.52 -3.32 -11.36
CA VAL C 50 -34.57 -3.74 -12.38
C VAL C 50 -34.81 -5.16 -12.88
N LEU C 51 -35.78 -5.89 -12.31
CA LEU C 51 -35.95 -7.29 -12.66
C LEU C 51 -36.39 -7.45 -14.11
N THR C 52 -37.34 -6.63 -14.56
CA THR C 52 -37.90 -6.73 -15.91
C THR C 52 -37.30 -5.72 -16.87
N THR C 53 -36.07 -5.27 -16.61
CA THR C 53 -35.39 -4.30 -17.46
C THR C 53 -34.10 -4.90 -17.99
N TRP C 54 -33.46 -4.17 -18.92
CA TRP C 54 -32.18 -4.61 -19.45
C TRP C 54 -31.06 -4.54 -18.43
N LEU C 55 -31.29 -3.88 -17.28
CA LEU C 55 -30.31 -3.82 -16.22
C LEU C 55 -30.07 -5.18 -15.57
N ILE C 56 -30.97 -6.14 -15.78
CA ILE C 56 -30.85 -7.45 -15.11
C ILE C 56 -29.61 -8.20 -15.54
N ASP C 57 -29.06 -7.92 -16.72
CA ASP C 57 -27.81 -8.58 -17.12
C ASP C 57 -26.60 -8.04 -16.36
N TYR C 58 -26.74 -6.89 -15.69
CA TYR C 58 -25.64 -6.29 -14.93
C TYR C 58 -25.81 -6.47 -13.43
N VAL C 59 -27.01 -6.21 -12.91
CA VAL C 59 -27.22 -6.15 -11.46
C VAL C 59 -27.62 -7.53 -10.94
N GLU C 60 -27.57 -8.54 -11.82
CA GLU C 60 -27.85 -9.89 -11.38
C GLU C 60 -26.74 -10.39 -10.47
N ASP C 61 -27.12 -11.15 -9.45
CA ASP C 61 -26.20 -11.75 -8.48
C ASP C 61 -25.45 -10.69 -7.66
N THR C 62 -25.91 -9.45 -7.69
CA THR C 62 -25.40 -8.40 -6.81
C THR C 62 -26.45 -8.08 -5.76
N TRP C 63 -26.03 -7.33 -4.74
CA TRP C 63 -26.90 -7.04 -3.62
C TRP C 63 -28.07 -6.16 -4.03
N GLY C 64 -29.26 -6.52 -3.58
CA GLY C 64 -30.44 -5.71 -3.72
C GLY C 64 -30.85 -5.09 -2.39
N SER C 65 -31.75 -4.10 -2.49
CA SER C 65 -32.20 -3.39 -1.30
C SER C 65 -33.01 -4.28 -0.37
N ASP C 66 -33.53 -5.40 -0.86
CA ASP C 66 -34.36 -6.29 -0.06
C ASP C 66 -33.55 -7.23 0.82
N GLY C 67 -32.22 -7.27 0.67
CA GLY C 67 -31.38 -8.11 1.47
C GLY C 67 -30.89 -9.38 0.80
N ASN C 68 -31.25 -9.62 -0.45
CA ASN C 68 -30.85 -10.82 -1.17
C ASN C 68 -30.27 -10.44 -2.53
N PRO C 69 -29.40 -11.27 -3.08
CA PRO C 69 -28.90 -11.02 -4.43
C PRO C 69 -30.03 -11.00 -5.45
N ILE C 70 -29.94 -10.08 -6.40
CA ILE C 70 -30.97 -9.93 -7.42
C ILE C 70 -30.86 -11.10 -8.41
N THR C 71 -31.85 -11.98 -8.40
CA THR C 71 -31.86 -13.16 -9.27
C THR C 71 -33.14 -13.19 -10.09
N LYS C 72 -33.03 -13.78 -11.28
CA LYS C 72 -34.16 -14.00 -12.19
C LYS C 72 -35.15 -15.09 -11.68
N THR C 73 -34.99 -15.54 -10.44
CA THR C 73 -35.83 -16.59 -9.86
C THR C 73 -36.06 -16.36 -8.37
N GLN C 78 -31.02 -22.48 -4.08
CA GLN C 78 -31.55 -23.46 -3.13
C GLN C 78 -30.99 -23.20 -1.73
N ASP C 79 -31.89 -22.88 -0.79
CA ASP C 79 -31.54 -22.63 0.60
C ASP C 79 -30.50 -21.52 0.72
N SER C 80 -30.94 -20.31 0.33
CA SER C 80 -30.05 -19.16 0.28
C SER C 80 -29.51 -18.79 1.66
N ASP C 81 -28.23 -19.06 1.90
CA ASP C 81 -27.56 -18.66 3.13
C ASP C 81 -26.73 -17.41 2.81
N VAL C 82 -27.40 -16.26 2.84
CA VAL C 82 -26.84 -15.03 2.28
C VAL C 82 -26.59 -14.02 3.40
N SER C 83 -26.11 -14.50 4.54
CA SER C 83 -25.63 -13.65 5.61
C SER C 83 -24.12 -13.74 5.79
N GLN C 84 -23.47 -14.72 5.18
CA GLN C 84 -22.02 -14.86 5.19
C GLN C 84 -21.42 -14.67 3.81
N GLU C 85 -22.23 -14.28 2.82
CA GLU C 85 -21.78 -14.13 1.45
C GLU C 85 -21.34 -12.69 1.17
N VAL C 86 -20.44 -12.55 0.18
CA VAL C 86 -19.93 -11.25 -0.24
C VAL C 86 -20.10 -11.14 -1.76
N ARG C 87 -20.66 -10.01 -2.20
CA ARG C 87 -20.97 -9.79 -3.62
C ARG C 87 -20.65 -8.35 -3.98
N LYS C 88 -20.64 -8.09 -5.29
CA LYS C 88 -20.57 -6.71 -5.78
C LYS C 88 -21.93 -6.04 -5.55
N TYR C 89 -21.96 -4.72 -5.81
CA TYR C 89 -23.19 -3.98 -5.60
C TYR C 89 -23.18 -2.72 -6.44
N PHE C 90 -24.38 -2.19 -6.67
CA PHE C 90 -24.59 -0.93 -7.35
C PHE C 90 -25.25 0.04 -6.37
N CYS C 91 -24.87 1.32 -6.46
CA CYS C 91 -25.53 2.36 -5.69
C CYS C 91 -26.25 3.30 -6.64
N THR C 92 -27.49 3.65 -6.31
CA THR C 92 -28.31 4.56 -7.09
C THR C 92 -28.73 5.73 -6.22
N GLY C 93 -28.48 6.93 -6.70
CA GLY C 93 -28.76 8.12 -5.93
C GLY C 93 -28.82 9.35 -6.81
N SER C 94 -28.81 10.50 -6.15
CA SER C 94 -28.92 11.78 -6.86
C SER C 94 -27.75 12.71 -6.52
N GLU D 9 -30.81 8.29 -24.86
CA GLU D 9 -31.98 7.65 -24.26
C GLU D 9 -32.13 6.20 -24.70
N SER D 10 -31.70 5.89 -25.92
CA SER D 10 -31.91 4.57 -26.49
C SER D 10 -30.76 3.60 -26.24
N CYS D 11 -29.76 4.01 -25.46
CA CYS D 11 -28.62 3.13 -25.16
C CYS D 11 -29.00 2.20 -24.02
N ASN D 12 -29.12 0.91 -24.32
CA ASN D 12 -29.38 -0.08 -23.27
C ASN D 12 -28.07 -0.72 -22.83
N GLY D 13 -27.24 0.11 -22.19
CA GLY D 13 -25.95 -0.34 -21.71
C GLY D 13 -25.06 0.76 -21.19
N LEU D 14 -23.79 0.73 -21.60
CA LEU D 14 -22.78 1.68 -21.17
C LEU D 14 -22.49 2.67 -22.29
N TYR D 15 -22.55 3.96 -21.98
CA TYR D 15 -22.32 5.00 -22.98
C TYR D 15 -21.06 5.78 -22.61
N TYR D 16 -20.02 5.65 -23.44
CA TYR D 16 -18.78 6.39 -23.26
C TYR D 16 -18.43 7.08 -24.57
N GLN D 17 -18.62 8.40 -24.62
CA GLN D 17 -18.24 9.23 -25.76
C GLN D 17 -18.81 8.67 -27.07
N GLY D 18 -20.14 8.77 -27.18
CA GLY D 18 -20.83 8.33 -28.38
C GLY D 18 -20.92 6.84 -28.60
N SER D 19 -20.16 6.03 -27.89
CA SER D 19 -20.17 4.58 -28.05
C SER D 19 -21.07 3.95 -27.01
N CYS D 20 -22.01 3.11 -27.45
CA CYS D 20 -22.93 2.40 -26.57
C CYS D 20 -22.58 0.92 -26.58
N TYR D 21 -22.19 0.39 -25.42
CA TYR D 21 -21.83 -1.01 -25.26
C TYR D 21 -22.97 -1.78 -24.61
N ILE D 22 -23.40 -2.87 -25.25
CA ILE D 22 -24.50 -3.69 -24.78
C ILE D 22 -23.96 -5.06 -24.39
N LEU D 23 -24.26 -5.49 -23.17
CA LEU D 23 -23.72 -6.73 -22.62
C LEU D 23 -24.53 -7.94 -23.09
N HIS D 24 -23.82 -8.95 -23.59
CA HIS D 24 -24.39 -10.26 -23.90
C HIS D 24 -23.89 -11.25 -22.85
N SER D 25 -24.79 -11.69 -21.96
CA SER D 25 -24.42 -12.54 -20.83
C SER D 25 -24.28 -14.00 -21.20
N ASP D 26 -24.57 -14.38 -22.45
CA ASP D 26 -24.37 -15.76 -22.89
C ASP D 26 -22.90 -16.03 -23.16
N TYR D 27 -22.43 -17.18 -22.69
CA TYR D 27 -21.04 -17.57 -22.90
C TYR D 27 -20.86 -18.14 -24.30
N LYS D 28 -19.96 -17.53 -25.08
CA LYS D 28 -19.67 -17.96 -26.43
C LYS D 28 -18.16 -17.93 -26.63
N SER D 29 -17.71 -18.65 -27.67
CA SER D 29 -16.33 -18.57 -28.08
C SER D 29 -16.07 -17.21 -28.72
N PHE D 30 -14.79 -16.94 -29.03
CA PHE D 30 -14.44 -15.66 -29.63
C PHE D 30 -15.09 -15.52 -31.01
N GLU D 31 -15.09 -16.60 -31.79
CA GLU D 31 -15.69 -16.53 -33.12
C GLU D 31 -17.20 -16.36 -33.05
N ASP D 32 -17.88 -17.09 -32.15
CA ASP D 32 -19.32 -16.96 -32.02
C ASP D 32 -19.72 -15.58 -31.50
N ALA D 33 -18.98 -15.06 -30.53
CA ALA D 33 -19.27 -13.73 -30.00
C ALA D 33 -19.06 -12.66 -31.07
N LYS D 34 -17.97 -12.79 -31.84
CA LYS D 34 -17.72 -11.85 -32.93
C LYS D 34 -18.82 -11.91 -33.98
N ALA D 35 -19.27 -13.11 -34.32
CA ALA D 35 -20.34 -13.26 -35.30
C ALA D 35 -21.64 -12.66 -34.78
N ASN D 36 -21.92 -12.82 -33.48
CA ASN D 36 -23.16 -12.28 -32.93
C ASN D 36 -23.15 -10.75 -32.95
N CYS D 37 -22.01 -10.12 -32.61
CA CYS D 37 -21.92 -8.68 -32.75
C CYS D 37 -22.06 -8.26 -34.20
N ALA D 38 -21.44 -9.01 -35.12
CA ALA D 38 -21.54 -8.70 -36.54
C ALA D 38 -22.99 -8.80 -37.01
N ALA D 39 -23.73 -9.78 -36.51
CA ALA D 39 -25.14 -9.90 -36.85
C ALA D 39 -25.96 -8.72 -36.34
N GLU D 40 -25.48 -8.01 -35.33
CA GLU D 40 -26.12 -6.81 -34.83
C GLU D 40 -25.46 -5.54 -35.33
N SER D 41 -24.67 -5.63 -36.42
CA SER D 41 -23.98 -4.48 -37.00
C SER D 41 -23.13 -3.77 -35.94
N SER D 42 -22.41 -4.56 -35.15
CA SER D 42 -21.60 -4.05 -34.05
C SER D 42 -20.27 -4.78 -34.02
N THR D 43 -19.37 -4.29 -33.18
CA THR D 43 -18.04 -4.87 -33.04
C THR D 43 -17.70 -5.05 -31.56
N LEU D 44 -16.72 -5.91 -31.31
CA LEU D 44 -16.24 -6.12 -29.95
C LEU D 44 -15.49 -4.87 -29.45
N PRO D 45 -15.45 -4.66 -28.13
CA PRO D 45 -14.77 -3.47 -27.60
C PRO D 45 -13.28 -3.50 -27.92
N ASN D 46 -12.74 -2.32 -28.19
CA ASN D 46 -11.29 -2.16 -28.36
C ASN D 46 -10.66 -2.07 -26.97
N LYS D 47 -9.60 -2.88 -26.76
CA LYS D 47 -8.97 -2.91 -25.45
C LYS D 47 -8.42 -1.55 -25.07
N SER D 48 -7.77 -0.86 -26.01
CA SER D 48 -7.19 0.44 -25.73
C SER D 48 -8.24 1.52 -25.54
N ASP D 49 -9.44 1.34 -26.09
CA ASP D 49 -10.50 2.34 -25.96
C ASP D 49 -11.16 2.31 -24.59
N VAL D 50 -11.06 1.20 -23.87
CA VAL D 50 -11.75 1.01 -22.60
C VAL D 50 -10.79 0.70 -21.45
N LEU D 51 -9.49 0.53 -21.74
CA LEU D 51 -8.55 0.14 -20.70
C LEU D 51 -8.38 1.25 -19.67
N THR D 52 -8.26 2.50 -20.13
CA THR D 52 -8.02 3.64 -19.26
C THR D 52 -9.29 4.43 -18.98
N THR D 53 -10.45 3.77 -19.07
CA THR D 53 -11.74 4.38 -18.79
C THR D 53 -12.43 3.64 -17.65
N TRP D 54 -13.54 4.20 -17.18
CA TRP D 54 -14.33 3.55 -16.15
C TRP D 54 -15.02 2.29 -16.65
N LEU D 55 -15.06 2.08 -17.97
CA LEU D 55 -15.68 0.88 -18.51
C LEU D 55 -14.93 -0.39 -18.14
N ILE D 56 -13.68 -0.28 -17.69
CA ILE D 56 -12.90 -1.47 -17.38
C ILE D 56 -13.51 -2.25 -16.22
N ASP D 57 -14.29 -1.60 -15.37
CA ASP D 57 -14.96 -2.31 -14.28
C ASP D 57 -16.09 -3.20 -14.80
N TYR D 58 -16.54 -2.99 -16.04
CA TYR D 58 -17.58 -3.79 -16.64
C TYR D 58 -17.06 -4.77 -17.68
N VAL D 59 -16.20 -4.30 -18.59
CA VAL D 59 -15.80 -5.10 -19.75
C VAL D 59 -14.54 -5.91 -19.49
N GLU D 60 -14.03 -5.90 -18.26
CA GLU D 60 -12.90 -6.75 -17.94
C GLU D 60 -13.32 -8.21 -17.96
N ASP D 61 -12.40 -9.07 -18.40
CA ASP D 61 -12.57 -10.52 -18.48
C ASP D 61 -13.64 -10.92 -19.49
N THR D 62 -14.06 -10.01 -20.37
CA THR D 62 -14.93 -10.30 -21.49
C THR D 62 -14.13 -10.18 -22.79
N TRP D 63 -14.75 -10.62 -23.88
CA TRP D 63 -14.06 -10.68 -25.17
C TRP D 63 -13.71 -9.29 -25.69
N GLY D 64 -12.49 -9.16 -26.18
CA GLY D 64 -12.05 -7.97 -26.88
C GLY D 64 -11.91 -8.23 -28.37
N SER D 65 -11.79 -7.13 -29.13
CA SER D 65 -11.69 -7.23 -30.58
C SER D 65 -10.38 -7.88 -31.03
N ASP D 66 -9.36 -7.91 -30.17
CA ASP D 66 -8.06 -8.44 -30.54
C ASP D 66 -7.98 -9.96 -30.43
N GLY D 67 -8.99 -10.61 -29.86
CA GLY D 67 -8.98 -12.05 -29.71
C GLY D 67 -8.62 -12.55 -28.32
N ASN D 68 -8.40 -11.64 -27.38
CA ASN D 68 -8.01 -11.98 -26.02
C ASN D 68 -8.92 -11.26 -25.03
N PRO D 69 -9.09 -11.81 -23.83
CA PRO D 69 -9.89 -11.12 -22.82
C PRO D 69 -9.32 -9.77 -22.46
N ILE D 70 -10.22 -8.80 -22.27
CA ILE D 70 -9.82 -7.44 -21.91
C ILE D 70 -9.43 -7.45 -20.44
N THR D 71 -8.14 -7.24 -20.16
CA THR D 71 -7.63 -7.26 -18.80
C THR D 71 -6.92 -5.95 -18.49
N LYS D 72 -6.93 -5.58 -17.21
CA LYS D 72 -6.23 -4.38 -16.76
C LYS D 72 -4.72 -4.60 -16.90
N THR D 73 -4.08 -3.74 -17.71
CA THR D 73 -2.66 -3.85 -18.01
C THR D 73 -2.36 -5.23 -18.57
N THR D 74 -1.72 -6.09 -17.77
CA THR D 74 -1.25 -7.41 -18.19
C THR D 74 -0.40 -7.23 -19.46
N SER D 75 -0.36 -8.24 -20.31
CA SER D 75 0.37 -8.15 -21.58
C SER D 75 -0.12 -9.23 -22.55
N ASP D 81 -4.28 -20.85 -23.30
CA ASP D 81 -4.62 -20.88 -24.72
C ASP D 81 -6.00 -20.29 -24.97
N VAL D 82 -6.05 -19.14 -25.62
CA VAL D 82 -7.34 -18.51 -25.91
C VAL D 82 -7.84 -19.01 -27.25
N SER D 83 -8.31 -20.26 -27.30
CA SER D 83 -9.03 -20.78 -28.45
C SER D 83 -10.18 -21.70 -28.09
N GLN D 84 -10.24 -22.20 -26.86
CA GLN D 84 -11.31 -23.05 -26.37
C GLN D 84 -12.11 -22.40 -25.25
N GLU D 85 -11.87 -21.12 -24.99
CA GLU D 85 -12.50 -20.43 -23.88
C GLU D 85 -13.83 -19.84 -24.31
N VAL D 86 -14.73 -19.69 -23.34
CA VAL D 86 -16.04 -19.09 -23.56
C VAL D 86 -16.23 -18.00 -22.51
N ARG D 87 -16.61 -16.81 -22.96
CA ARG D 87 -16.75 -15.65 -22.09
C ARG D 87 -17.95 -14.83 -22.55
N LYS D 88 -18.37 -13.91 -21.70
CA LYS D 88 -19.35 -12.91 -22.10
C LYS D 88 -18.68 -11.88 -23.02
N TYR D 89 -19.50 -11.01 -23.60
CA TYR D 89 -18.97 -10.04 -24.55
C TYR D 89 -19.90 -8.84 -24.66
N PHE D 90 -19.34 -7.74 -25.16
CA PHE D 90 -20.08 -6.52 -25.42
C PHE D 90 -20.06 -6.22 -26.92
N CYS D 91 -21.18 -5.73 -27.43
CA CYS D 91 -21.30 -5.25 -28.80
C CYS D 91 -21.62 -3.76 -28.79
N THR D 92 -20.95 -3.01 -29.66
CA THR D 92 -21.19 -1.57 -29.75
C THR D 92 -21.64 -1.11 -31.14
N GLN E 1 -16.62 27.77 8.84
CA GLN E 1 -15.37 27.03 8.69
C GLN E 1 -14.18 27.90 9.10
N VAL E 2 -12.99 27.29 9.10
CA VAL E 2 -11.78 27.99 9.49
C VAL E 2 -11.40 28.99 8.41
N GLN E 3 -10.96 30.19 8.83
CA GLN E 3 -10.53 31.23 7.92
C GLN E 3 -9.14 31.70 8.32
N LEU E 4 -8.26 31.83 7.33
CA LEU E 4 -6.88 32.26 7.55
C LEU E 4 -6.56 33.46 6.67
N GLN E 5 -5.74 34.36 7.20
CA GLN E 5 -5.23 35.50 6.45
C GLN E 5 -3.79 35.76 6.88
N GLN E 6 -2.93 36.05 5.91
CA GLN E 6 -1.51 36.27 6.16
C GLN E 6 -1.13 37.68 5.74
N TRP E 7 -0.10 38.22 6.41
CA TRP E 7 0.48 39.48 6.00
C TRP E 7 1.95 39.51 6.42
N GLY E 8 2.71 40.37 5.77
CA GLY E 8 4.12 40.52 6.06
C GLY E 8 4.85 41.11 4.89
N ALA E 9 6.10 41.49 5.14
CA ALA E 9 6.93 42.09 4.10
C ALA E 9 7.19 41.09 2.99
N GLY E 10 6.71 41.40 1.79
CA GLY E 10 6.86 40.55 0.63
C GLY E 10 8.08 40.81 -0.23
N LEU E 11 8.97 41.70 0.19
CA LEU E 11 10.19 41.99 -0.57
C LEU E 11 11.29 42.33 0.42
N LEU E 12 12.36 41.54 0.41
CA LEU E 12 13.45 41.68 1.36
C LEU E 12 14.79 41.67 0.65
N LYS E 13 15.69 42.54 1.10
CA LYS E 13 17.07 42.49 0.67
C LYS E 13 17.76 41.31 1.33
N PRO E 14 18.83 40.79 0.72
CA PRO E 14 19.56 39.68 1.34
C PRO E 14 20.11 40.06 2.71
N SER E 15 20.16 39.07 3.60
CA SER E 15 20.59 39.11 4.99
C SER E 15 19.53 39.70 5.92
N GLU E 16 18.41 40.19 5.41
CA GLU E 16 17.34 40.67 6.27
C GLU E 16 16.61 39.48 6.89
N THR E 17 15.61 39.78 7.72
CA THR E 17 14.82 38.76 8.39
C THR E 17 13.40 38.75 7.85
N LEU E 18 12.90 37.55 7.53
CA LEU E 18 11.52 37.39 7.10
C LEU E 18 10.60 37.37 8.32
N SER E 19 9.46 38.04 8.21
CA SER E 19 8.48 38.08 9.29
C SER E 19 7.09 38.01 8.68
N LEU E 20 6.35 36.96 9.01
CA LEU E 20 4.98 36.78 8.54
C LEU E 20 4.08 36.48 9.73
N THR E 21 2.81 36.85 9.60
CA THR E 21 1.83 36.61 10.65
C THR E 21 0.56 36.03 10.02
N CYS E 22 0.01 35.02 10.69
CA CYS E 22 -1.20 34.35 10.24
C CYS E 22 -2.28 34.52 11.29
N ALA E 23 -3.47 34.91 10.86
CA ALA E 23 -4.60 35.15 11.75
C ALA E 23 -5.70 34.12 11.48
N VAL E 24 -6.35 33.67 12.55
CA VAL E 24 -7.30 32.57 12.50
C VAL E 24 -8.64 33.04 13.05
N SER E 25 -9.72 32.65 12.36
CA SER E 25 -11.07 32.92 12.81
C SER E 25 -11.96 31.73 12.44
N GLY E 26 -13.05 31.60 13.18
CA GLY E 26 -14.06 30.59 12.86
C GLY E 26 -13.76 29.19 13.35
N ALA E 27 -12.81 29.02 14.27
CA ALA E 27 -12.48 27.69 14.78
C ALA E 27 -11.87 27.84 16.17
N SER E 28 -11.64 26.70 16.80
CA SER E 28 -10.99 26.66 18.11
C SER E 28 -9.49 26.74 17.88
N PHE E 29 -8.90 27.91 18.15
CA PHE E 29 -7.47 28.09 17.93
C PHE E 29 -6.65 27.13 18.78
N SER E 30 -7.04 26.94 20.02
CA SER E 30 -6.38 25.98 20.91
C SER E 30 -7.01 24.62 20.67
N GLY E 31 -6.26 23.71 20.07
CA GLY E 31 -6.79 22.40 19.73
C GLY E 31 -6.23 21.85 18.44
N TYR E 32 -5.42 22.66 17.75
CA TYR E 32 -4.75 22.23 16.53
C TYR E 32 -3.33 22.77 16.52
N TYR E 33 -2.46 22.10 15.77
CA TYR E 33 -1.15 22.65 15.43
C TYR E 33 -1.26 23.52 14.19
N TRP E 34 -0.41 24.54 14.13
CA TRP E 34 -0.42 25.51 13.04
C TRP E 34 0.97 25.58 12.42
N THR E 35 1.03 25.46 11.09
CA THR E 35 2.28 25.29 10.37
C THR E 35 2.50 26.39 9.36
N TRP E 36 3.76 26.52 8.94
CA TRP E 36 4.15 27.34 7.81
C TRP E 36 4.80 26.45 6.77
N ILE E 37 4.42 26.63 5.51
CA ILE E 37 4.94 25.84 4.39
C ILE E 37 5.28 26.78 3.26
N ARG E 38 6.50 26.70 2.76
CA ARG E 38 6.95 27.55 1.67
C ARG E 38 7.15 26.73 0.40
N GLN E 39 6.80 27.33 -0.74
CA GLN E 39 6.98 26.70 -2.05
C GLN E 39 7.80 27.61 -2.94
N PRO E 40 9.06 27.30 -3.20
CA PRO E 40 9.82 28.10 -4.16
C PRO E 40 9.15 28.08 -5.52
N PRO E 41 9.22 29.19 -6.25
CA PRO E 41 8.47 29.29 -7.51
C PRO E 41 8.91 28.21 -8.51
N GLY E 42 7.94 27.46 -9.00
CA GLY E 42 8.19 26.39 -9.94
C GLY E 42 8.68 25.10 -9.33
N LYS E 43 8.91 25.05 -8.02
CA LYS E 43 9.40 23.87 -7.34
C LYS E 43 8.31 23.31 -6.42
N GLY E 44 8.69 22.29 -5.65
CA GLY E 44 7.76 21.62 -4.76
C GLY E 44 7.62 22.34 -3.43
N LEU E 45 6.82 21.73 -2.55
CA LEU E 45 6.50 22.30 -1.26
C LEU E 45 7.46 21.79 -0.19
N GLU E 46 7.72 22.64 0.80
CA GLU E 46 8.62 22.31 1.90
C GLU E 46 8.00 22.77 3.21
N TRP E 47 7.93 21.88 4.19
CA TRP E 47 7.40 22.21 5.50
C TRP E 47 8.47 22.92 6.33
N ILE E 48 8.09 24.02 6.97
CA ILE E 48 9.04 24.84 7.74
C ILE E 48 8.95 24.48 9.22
N GLY E 49 7.78 24.66 9.81
CA GLY E 49 7.63 24.38 11.23
C GLY E 49 6.17 24.42 11.63
N GLU E 50 5.94 24.10 12.91
CA GLU E 50 4.60 24.08 13.48
C GLU E 50 4.67 24.54 14.93
N ILE E 51 3.51 24.94 15.45
CA ILE E 51 3.42 25.42 16.83
C ILE E 51 2.05 25.09 17.39
N HIS E 52 2.00 24.92 18.72
CA HIS E 52 0.79 24.64 19.47
C HIS E 52 0.53 25.78 20.45
N HIS E 53 -0.70 25.87 20.94
CA HIS E 53 -1.05 26.95 21.86
C HIS E 53 -0.30 26.86 23.18
N THR E 54 0.23 25.69 23.52
CA THR E 54 1.04 25.52 24.73
C THR E 54 2.44 26.08 24.59
N GLY E 55 2.82 26.55 23.40
CA GLY E 55 4.18 26.97 23.14
C GLY E 55 5.08 25.90 22.57
N ASN E 56 4.57 24.68 22.38
CA ASN E 56 5.36 23.60 21.79
C ASN E 56 5.62 23.89 20.32
N THR E 57 6.86 23.74 19.90
CA THR E 57 7.27 24.02 18.53
C THR E 57 8.05 22.85 17.95
N ASN E 58 7.84 22.60 16.66
CA ASN E 58 8.65 21.66 15.88
C ASN E 58 9.14 22.38 14.63
N TYR E 59 10.43 22.24 14.34
CA TYR E 59 11.03 22.89 13.19
C TYR E 59 11.67 21.85 12.28
N ASN E 60 11.68 22.15 10.98
CA ASN E 60 12.43 21.32 10.04
C ASN E 60 13.91 21.40 10.40
N PRO E 61 14.59 20.26 10.56
CA PRO E 61 16.01 20.31 10.94
C PRO E 61 16.89 21.07 9.97
N SER E 62 16.58 21.02 8.67
CA SER E 62 17.36 21.75 7.68
C SER E 62 17.21 23.27 7.82
N LEU E 63 16.23 23.74 8.59
CA LEU E 63 16.03 25.17 8.78
C LEU E 63 15.99 25.58 10.24
N LYS E 64 16.21 24.65 11.19
CA LYS E 64 16.11 24.97 12.60
C LYS E 64 17.12 26.04 13.03
N SER E 65 18.20 26.22 12.25
CA SER E 65 19.20 27.21 12.61
C SER E 65 18.66 28.63 12.59
N ARG E 66 17.65 28.90 11.75
CA ARG E 66 17.20 30.27 11.55
C ARG E 66 15.68 30.38 11.43
N VAL E 67 14.94 29.50 12.09
CA VAL E 67 13.48 29.52 12.05
C VAL E 67 12.94 29.64 13.48
N SER E 68 12.02 30.59 13.67
CA SER E 68 11.34 30.77 14.94
C SER E 68 9.87 31.03 14.68
N ILE E 69 9.00 30.24 15.32
CA ILE E 69 7.56 30.38 15.16
C ILE E 69 6.96 30.70 16.52
N SER E 70 6.20 31.79 16.59
CA SER E 70 5.58 32.25 17.82
C SER E 70 4.05 32.12 17.72
N VAL E 71 3.40 32.19 18.88
CA VAL E 71 1.95 32.06 18.97
C VAL E 71 1.42 33.16 19.88
N ASP E 72 0.33 33.79 19.46
CA ASP E 72 -0.38 34.79 20.24
C ASP E 72 -1.80 34.27 20.43
N THR E 73 -2.02 33.53 21.52
CA THR E 73 -3.31 32.88 21.73
C THR E 73 -4.43 33.88 21.97
N SER E 74 -4.12 35.05 22.54
CA SER E 74 -5.15 36.06 22.78
C SER E 74 -5.67 36.69 21.50
N LYS E 75 -4.95 36.54 20.38
CA LYS E 75 -5.36 37.10 19.11
C LYS E 75 -5.66 36.05 18.05
N ASN E 76 -5.58 34.76 18.39
CA ASN E 76 -5.74 33.67 17.42
C ASN E 76 -4.77 33.84 16.25
N GLN E 77 -3.53 34.21 16.58
CA GLN E 77 -2.51 34.46 15.57
C GLN E 77 -1.25 33.69 15.90
N PHE E 78 -0.42 33.49 14.88
CA PHE E 78 0.90 32.89 15.06
C PHE E 78 1.81 33.40 13.96
N SER E 79 3.05 33.70 14.33
CA SER E 79 3.99 34.37 13.43
C SER E 79 5.16 33.45 13.09
N LEU E 80 5.89 33.82 12.05
CA LEU E 80 7.06 33.11 11.58
C LEU E 80 8.19 34.11 11.33
N LYS E 81 9.38 33.81 11.83
CA LYS E 81 10.56 34.63 11.60
C LYS E 81 11.69 33.77 11.06
N LEU E 82 12.29 34.20 9.95
CA LEU E 82 13.35 33.48 9.27
C LEU E 82 14.55 34.42 9.11
N THR E 83 15.52 34.30 10.01
CA THR E 83 16.70 35.16 9.96
C THR E 83 17.64 34.74 8.85
N SER E 84 18.53 35.68 8.46
CA SER E 84 19.55 35.46 7.44
C SER E 84 18.91 35.02 6.12
N VAL E 85 18.02 35.86 5.62
CA VAL E 85 17.27 35.54 4.40
C VAL E 85 18.20 35.63 3.20
N THR E 86 18.34 34.53 2.47
CA THR E 86 19.14 34.47 1.25
C THR E 86 18.22 34.44 0.03
N ALA E 87 18.84 34.51 -1.15
CA ALA E 87 18.07 34.48 -2.39
C ALA E 87 17.35 33.15 -2.58
N ALA E 88 17.89 32.07 -2.00
CA ALA E 88 17.24 30.77 -2.12
C ALA E 88 15.92 30.70 -1.37
N ASP E 89 15.68 31.62 -0.44
CA ASP E 89 14.45 31.62 0.35
C ASP E 89 13.28 32.26 -0.37
N THR E 90 13.47 32.77 -1.59
CA THR E 90 12.36 33.28 -2.38
C THR E 90 11.34 32.18 -2.61
N ALA E 91 10.14 32.37 -2.06
CA ALA E 91 9.10 31.34 -2.12
C ALA E 91 7.76 31.98 -1.76
N VAL E 92 6.69 31.25 -2.07
CA VAL E 92 5.35 31.59 -1.61
C VAL E 92 5.10 30.86 -0.29
N TYR E 93 4.83 31.61 0.76
CA TYR E 93 4.66 31.06 2.10
C TYR E 93 3.18 30.96 2.43
N TYR E 94 2.74 29.77 2.81
CA TYR E 94 1.38 29.51 3.25
C TYR E 94 1.38 29.20 4.74
N CYS E 95 0.36 29.67 5.45
CA CYS E 95 0.07 29.18 6.77
C CYS E 95 -1.13 28.25 6.73
N ALA E 96 -1.06 27.14 7.46
CA ALA E 96 -2.09 26.13 7.48
C ALA E 96 -2.20 25.55 8.89
N ARG E 97 -3.18 24.69 9.09
CA ARG E 97 -3.34 23.97 10.34
C ARG E 97 -3.27 22.47 10.08
N VAL E 98 -2.64 21.75 11.00
CA VAL E 98 -2.71 20.29 10.96
C VAL E 98 -4.16 19.89 11.25
N GLY E 99 -4.80 19.26 10.26
CA GLY E 99 -6.24 19.12 10.24
C GLY E 99 -6.80 18.14 11.25
N GLY E 100 -5.95 17.37 11.93
CA GLY E 100 -6.41 16.49 12.97
C GLY E 100 -6.38 17.20 14.30
N TYR E 101 -7.52 17.20 15.00
CA TYR E 101 -7.60 17.78 16.33
C TYR E 101 -6.57 17.15 17.25
N TYR E 102 -5.59 17.95 17.69
CA TYR E 102 -4.54 17.43 18.55
C TYR E 102 -5.09 17.18 19.95
N TYR E 103 -5.28 15.91 20.30
CA TYR E 103 -5.81 15.56 21.60
C TYR E 103 -4.78 15.69 22.71
N GLY E 104 -3.51 15.47 22.39
CA GLY E 104 -2.46 15.42 23.38
C GLY E 104 -2.07 14.01 23.79
N TRP E 105 -2.71 12.99 23.25
CA TRP E 105 -2.38 11.61 23.56
C TRP E 105 -2.74 10.74 22.37
N GLY E 106 -1.78 9.94 21.92
CA GLY E 106 -2.01 9.02 20.82
C GLY E 106 -2.04 9.73 19.49
N LYS E 107 -2.16 8.92 18.44
CA LYS E 107 -2.27 9.36 17.04
C LYS E 107 -1.25 10.37 16.53
N LYS E 108 -0.85 10.21 15.27
CA LYS E 108 0.07 11.13 14.60
C LYS E 108 -0.73 11.91 13.56
N PRO E 109 -1.28 13.07 13.90
CA PRO E 109 -1.97 13.87 12.86
C PRO E 109 -1.00 14.24 11.75
N HIS E 110 -1.46 14.15 10.51
CA HIS E 110 -0.51 14.19 9.40
C HIS E 110 -0.93 15.01 8.18
N TRP E 111 -2.06 15.72 8.22
CA TRP E 111 -2.47 16.45 7.04
C TRP E 111 -2.65 17.94 7.37
N PHE E 112 -2.84 18.73 6.32
CA PHE E 112 -2.96 20.18 6.41
C PHE E 112 -4.26 20.60 5.76
N ASP E 113 -5.20 21.08 6.56
CA ASP E 113 -6.45 21.61 6.04
C ASP E 113 -7.09 22.54 7.06
N PRO E 114 -7.39 23.79 6.72
CA PRO E 114 -7.27 24.40 5.38
C PRO E 114 -5.92 25.07 5.15
N TRP E 115 -5.75 25.68 3.97
CA TRP E 115 -4.52 26.36 3.60
C TRP E 115 -4.80 27.85 3.44
N GLY E 116 -3.78 28.65 3.70
CA GLY E 116 -3.91 30.08 3.50
C GLY E 116 -3.73 30.48 2.05
N GLN E 117 -4.17 31.70 1.72
CA GLN E 117 -4.08 32.17 0.35
C GLN E 117 -2.63 32.30 -0.10
N GLY E 118 -1.71 32.56 0.83
CA GLY E 118 -0.30 32.61 0.52
C GLY E 118 0.27 34.01 0.43
N THR E 119 1.51 34.18 0.86
CA THR E 119 2.21 35.46 0.80
C THR E 119 3.53 35.25 0.08
N LEU E 120 3.71 35.93 -1.05
CA LEU E 120 4.94 35.84 -1.81
C LEU E 120 6.04 36.66 -1.14
N VAL E 121 7.20 36.05 -0.95
CA VAL E 121 8.38 36.73 -0.42
C VAL E 121 9.48 36.65 -1.47
N THR E 122 9.88 37.80 -2.00
CA THR E 122 10.92 37.87 -3.02
C THR E 122 12.19 38.43 -2.41
N VAL E 123 13.31 37.73 -2.63
CA VAL E 123 14.61 38.10 -2.08
C VAL E 123 15.50 38.57 -3.22
N SER E 124 15.88 39.84 -3.19
CA SER E 124 16.79 40.39 -4.19
C SER E 124 17.41 41.68 -3.66
N SER E 125 18.67 41.90 -4.00
CA SER E 125 19.35 43.14 -3.65
C SER E 125 19.07 44.26 -4.64
N ALA E 126 18.17 44.04 -5.59
CA ALA E 126 17.84 45.01 -6.62
C ALA E 126 16.77 45.96 -6.10
N SER E 127 16.78 47.17 -6.64
CA SER E 127 15.78 48.17 -6.28
C SER E 127 14.67 48.21 -7.33
N THR E 128 13.58 48.90 -6.98
CA THR E 128 12.45 49.05 -7.89
C THR E 128 12.88 49.78 -9.15
N LYS E 129 12.49 49.24 -10.31
CA LYS E 129 12.92 49.77 -11.59
C LYS E 129 11.78 49.62 -12.60
N GLY E 130 11.68 50.59 -13.50
CA GLY E 130 10.68 50.56 -14.55
C GLY E 130 11.05 49.64 -15.69
N PRO E 131 10.03 49.07 -16.35
CA PRO E 131 10.29 48.13 -17.45
C PRO E 131 10.58 48.86 -18.76
N SER E 132 11.56 48.33 -19.49
CA SER E 132 11.87 48.81 -20.83
C SER E 132 11.10 47.98 -21.85
N VAL E 133 10.24 48.63 -22.62
CA VAL E 133 9.35 47.95 -23.56
C VAL E 133 9.89 48.16 -24.97
N PHE E 134 10.17 47.05 -25.65
CA PHE E 134 10.67 47.08 -27.02
C PHE E 134 9.71 46.33 -27.94
N PRO E 135 9.59 46.75 -29.20
CA PRO E 135 8.63 46.10 -30.11
C PRO E 135 9.23 44.90 -30.83
N LEU E 136 8.41 43.85 -30.93
CA LEU E 136 8.73 42.66 -31.71
C LEU E 136 7.92 42.73 -33.00
N ALA E 137 8.51 43.37 -34.01
CA ALA E 137 7.78 43.66 -35.24
C ALA E 137 7.57 42.39 -36.05
N PRO E 138 6.42 42.28 -36.75
CA PRO E 138 6.13 41.12 -37.61
C PRO E 138 7.02 41.10 -38.86
N THR E 147 -0.46 33.67 -41.64
CA THR E 147 -0.72 34.39 -40.39
C THR E 147 0.56 35.05 -39.87
N ALA E 148 0.40 36.25 -39.32
CA ALA E 148 1.53 37.03 -38.80
C ALA E 148 1.51 37.05 -37.28
N ALA E 149 2.68 37.24 -36.69
CA ALA E 149 2.84 37.32 -35.25
C ALA E 149 3.61 38.59 -34.88
N LEU E 150 3.22 39.20 -33.76
CA LEU E 150 3.90 40.39 -33.25
C LEU E 150 3.75 40.41 -31.74
N GLY E 151 4.50 41.30 -31.09
CA GLY E 151 4.44 41.36 -29.64
C GLY E 151 5.34 42.45 -29.10
N CYS E 152 5.52 42.40 -27.77
CA CYS E 152 6.32 43.36 -27.04
C CYS E 152 7.22 42.63 -26.04
N LEU E 153 8.48 43.06 -25.95
CA LEU E 153 9.44 42.50 -25.02
C LEU E 153 9.54 43.43 -23.82
N VAL E 154 9.04 42.98 -22.67
CA VAL E 154 9.08 43.73 -21.43
C VAL E 154 10.32 43.30 -20.66
N LYS E 155 11.39 44.09 -20.75
CA LYS E 155 12.69 43.70 -20.25
C LYS E 155 13.15 44.62 -19.12
N ASP E 156 13.90 44.04 -18.18
CA ASP E 156 14.63 44.77 -17.14
C ASP E 156 13.68 45.59 -16.25
N TYR E 157 12.86 44.85 -15.50
CA TYR E 157 12.00 45.46 -14.49
C TYR E 157 12.10 44.66 -13.20
N PHE E 158 11.70 45.31 -12.10
CA PHE E 158 11.70 44.69 -10.79
C PHE E 158 10.83 45.49 -9.84
N PRO E 159 10.05 44.86 -8.96
CA PRO E 159 9.79 43.41 -8.86
C PRO E 159 8.60 42.99 -9.72
N GLU E 160 8.01 41.83 -9.42
CA GLU E 160 6.81 41.39 -10.12
C GLU E 160 5.58 42.02 -9.49
N PRO E 161 4.45 42.09 -10.23
CA PRO E 161 4.23 41.64 -11.61
C PRO E 161 4.08 42.77 -12.61
N VAL E 162 3.91 42.44 -13.88
CA VAL E 162 3.58 43.40 -14.93
C VAL E 162 2.36 42.88 -15.67
N THR E 163 1.38 43.75 -15.90
CA THR E 163 0.17 43.41 -16.63
C THR E 163 0.26 43.98 -18.05
N VAL E 164 0.13 43.11 -19.05
CA VAL E 164 0.23 43.50 -20.44
C VAL E 164 -1.12 43.24 -21.11
N SER E 165 -1.65 44.27 -21.76
CA SER E 165 -2.88 44.18 -22.53
C SER E 165 -2.60 44.65 -23.96
N TRP E 166 -3.58 44.41 -24.83
CA TRP E 166 -3.46 44.79 -26.23
C TRP E 166 -4.65 45.67 -26.62
N ASN E 167 -4.35 46.85 -27.17
CA ASN E 167 -5.36 47.82 -27.59
C ASN E 167 -6.31 48.14 -26.45
N SER E 168 -5.75 48.32 -25.25
CA SER E 168 -6.52 48.62 -24.04
C SER E 168 -7.56 47.56 -23.77
N GLY E 169 -7.21 46.30 -24.01
CA GLY E 169 -8.11 45.18 -23.80
C GLY E 169 -9.02 44.87 -24.97
N ALA E 170 -8.88 45.56 -26.10
CA ALA E 170 -9.74 45.32 -27.25
C ALA E 170 -9.25 44.19 -28.14
N LEU E 171 -8.10 43.58 -27.82
CA LEU E 171 -7.55 42.47 -28.58
C LEU E 171 -7.26 41.33 -27.62
N THR E 172 -8.07 40.27 -27.66
CA THR E 172 -7.92 39.13 -26.77
C THR E 172 -7.60 37.83 -27.49
N SER E 173 -8.03 37.66 -28.74
CA SER E 173 -7.84 36.39 -29.43
C SER E 173 -6.38 36.22 -29.87
N GLY E 174 -5.82 35.06 -29.58
CA GLY E 174 -4.47 34.75 -30.00
C GLY E 174 -3.36 35.34 -29.15
N VAL E 175 -3.68 35.89 -27.99
CA VAL E 175 -2.69 36.56 -27.15
C VAL E 175 -2.09 35.55 -26.18
N HIS E 176 -0.76 35.53 -26.10
CA HIS E 176 -0.03 34.68 -25.17
C HIS E 176 0.95 35.54 -24.39
N THR E 177 0.67 35.74 -23.10
CA THR E 177 1.58 36.45 -22.20
C THR E 177 2.37 35.43 -21.41
N PHE E 178 3.66 35.32 -21.72
CA PHE E 178 4.51 34.30 -21.12
C PHE E 178 4.89 34.69 -19.69
N PRO E 179 5.13 33.69 -18.83
CA PRO E 179 5.61 33.98 -17.49
C PRO E 179 6.95 34.69 -17.51
N ALA E 180 7.16 35.57 -16.52
CA ALA E 180 8.42 36.29 -16.42
C ALA E 180 9.57 35.33 -16.10
N VAL E 181 10.75 35.68 -16.60
CA VAL E 181 11.98 34.94 -16.32
C VAL E 181 12.92 35.85 -15.54
N LEU E 182 13.64 35.27 -14.59
CA LEU E 182 14.59 36.00 -13.76
C LEU E 182 15.96 35.97 -14.44
N GLN E 183 16.38 37.10 -14.98
CA GLN E 183 17.65 37.17 -15.69
C GLN E 183 18.82 37.16 -14.72
N SER E 184 20.02 36.90 -15.25
CA SER E 184 21.21 36.86 -14.41
C SER E 184 21.53 38.22 -13.80
N SER E 185 21.03 39.31 -14.39
CA SER E 185 21.22 40.64 -13.82
C SER E 185 20.33 40.90 -12.61
N GLY E 186 19.42 39.99 -12.29
CA GLY E 186 18.48 40.17 -11.20
C GLY E 186 17.19 40.87 -11.58
N LEU E 187 17.03 41.26 -12.83
CA LEU E 187 15.81 41.90 -13.31
C LEU E 187 14.98 40.92 -14.12
N TYR E 188 13.66 41.05 -14.03
CA TYR E 188 12.76 40.15 -14.72
C TYR E 188 12.56 40.59 -16.16
N SER E 189 12.31 39.61 -17.03
CA SER E 189 11.97 39.86 -18.43
C SER E 189 10.76 39.03 -18.80
N LEU E 190 9.94 39.56 -19.69
CA LEU E 190 8.68 38.94 -20.06
C LEU E 190 8.42 39.19 -21.53
N SER E 191 7.71 38.25 -22.16
CA SER E 191 7.33 38.34 -23.56
C SER E 191 5.83 38.21 -23.68
N SER E 192 5.20 39.13 -24.40
CA SER E 192 3.77 39.08 -24.69
C SER E 192 3.59 39.15 -26.20
N VAL E 193 2.95 38.13 -26.78
CA VAL E 193 2.80 38.04 -28.22
C VAL E 193 1.32 37.86 -28.56
N VAL E 194 0.99 38.11 -29.82
CA VAL E 194 -0.37 37.96 -30.32
C VAL E 194 -0.29 37.57 -31.79
N THR E 195 -1.15 36.64 -32.20
CA THR E 195 -1.22 36.20 -33.58
C THR E 195 -2.42 36.83 -34.26
N VAL E 196 -2.18 37.51 -35.37
CA VAL E 196 -3.21 38.24 -36.10
C VAL E 196 -3.11 37.90 -37.58
N PRO E 197 -4.21 38.03 -38.32
CA PRO E 197 -4.14 37.83 -39.77
C PRO E 197 -3.19 38.82 -40.43
N SER E 198 -2.51 38.35 -41.48
CA SER E 198 -1.59 39.20 -42.23
C SER E 198 -2.30 40.40 -42.86
N SER E 199 -3.59 40.25 -43.15
CA SER E 199 -4.34 41.35 -43.77
C SER E 199 -4.39 42.58 -42.88
N SER E 200 -4.50 42.38 -41.57
CA SER E 200 -4.68 43.48 -40.62
C SER E 200 -3.41 44.29 -40.40
N LEU E 201 -2.25 43.84 -40.92
CA LEU E 201 -1.01 44.55 -40.66
C LEU E 201 -1.04 45.96 -41.24
N GLY E 202 -1.58 46.12 -42.44
CA GLY E 202 -1.61 47.44 -43.07
C GLY E 202 -2.65 48.37 -42.50
N THR E 203 -3.74 47.84 -41.96
CA THR E 203 -4.87 48.66 -41.53
C THR E 203 -4.92 48.89 -40.03
N GLN E 204 -4.74 47.82 -39.24
CA GLN E 204 -4.95 47.90 -37.79
C GLN E 204 -3.68 48.31 -37.08
N THR E 205 -3.83 49.23 -36.12
CA THR E 205 -2.74 49.64 -35.25
C THR E 205 -2.73 48.77 -34.00
N TYR E 206 -1.58 48.16 -33.70
CA TYR E 206 -1.42 47.30 -32.54
C TYR E 206 -0.54 48.02 -31.53
N ILE E 207 -1.08 48.23 -30.33
CA ILE E 207 -0.37 48.90 -29.24
C ILE E 207 -0.46 48.04 -28.00
N CYS E 208 0.68 47.71 -27.42
CA CYS E 208 0.73 46.95 -26.18
C CYS E 208 0.83 47.90 -25.00
N ASN E 209 0.01 47.67 -23.97
CA ASN E 209 -0.01 48.48 -22.77
C ASN E 209 0.62 47.68 -21.64
N VAL E 210 1.84 48.07 -21.27
CA VAL E 210 2.58 47.41 -20.20
C VAL E 210 2.42 48.25 -18.94
N ASN E 211 1.94 47.63 -17.87
CA ASN E 211 1.69 48.31 -16.60
C ASN E 211 2.54 47.66 -15.52
N HIS E 212 3.35 48.48 -14.84
CA HIS E 212 4.17 48.04 -13.72
C HIS E 212 3.87 48.93 -12.53
N LYS E 213 3.00 48.46 -11.64
CA LYS E 213 2.62 49.25 -10.46
C LYS E 213 3.79 49.57 -9.53
N PRO E 214 4.71 48.64 -9.22
CA PRO E 214 5.78 49.00 -8.26
C PRO E 214 6.60 50.21 -8.66
N SER E 215 6.88 50.40 -9.95
CA SER E 215 7.60 51.58 -10.41
C SER E 215 6.68 52.66 -10.99
N ASN E 216 5.37 52.42 -10.99
CA ASN E 216 4.39 53.39 -11.48
C ASN E 216 4.69 53.80 -12.93
N THR E 217 5.12 52.84 -13.73
CA THR E 217 5.47 53.08 -15.12
C THR E 217 4.45 52.39 -16.01
N LYS E 218 3.73 53.19 -16.80
CA LYS E 218 2.76 52.69 -17.76
C LYS E 218 3.19 53.12 -19.15
N VAL E 219 3.44 52.14 -20.03
CA VAL E 219 3.98 52.38 -21.36
C VAL E 219 2.99 51.85 -22.39
N ASP E 220 2.71 52.66 -23.41
CA ASP E 220 1.86 52.28 -24.53
C ASP E 220 2.73 52.30 -25.78
N LYS E 221 3.27 51.13 -26.14
CA LYS E 221 4.20 51.00 -27.26
C LYS E 221 3.46 50.46 -28.48
N LYS E 222 3.55 51.18 -29.59
CA LYS E 222 2.94 50.77 -30.84
C LYS E 222 3.90 49.88 -31.62
N VAL E 223 3.42 48.72 -32.04
CA VAL E 223 4.19 47.81 -32.90
C VAL E 223 3.66 47.93 -34.31
N GLU E 224 4.53 48.25 -35.25
CA GLU E 224 4.16 48.42 -36.64
C GLU E 224 5.04 47.55 -37.53
N PRO E 225 4.53 47.11 -38.69
CA PRO E 225 5.26 46.19 -39.58
C PRO E 225 6.57 46.76 -40.13
N GLU F 1 15.61 11.09 7.58
CA GLU F 1 14.57 11.70 6.76
C GLU F 1 14.07 10.73 5.71
N ILE F 2 12.75 10.71 5.49
CA ILE F 2 12.12 9.86 4.50
C ILE F 2 11.85 10.67 3.25
N VAL F 3 12.20 10.13 2.09
CA VAL F 3 12.05 10.82 0.82
C VAL F 3 10.87 10.22 0.07
N LEU F 4 9.97 11.07 -0.38
CA LEU F 4 8.82 10.67 -1.19
C LEU F 4 9.11 10.90 -2.66
N THR F 5 8.79 9.91 -3.49
CA THR F 5 8.93 10.00 -4.93
C THR F 5 7.56 9.80 -5.57
N GLN F 6 7.30 10.55 -6.65
CA GLN F 6 6.06 10.44 -7.39
C GLN F 6 6.37 10.14 -8.85
N SER F 7 5.62 9.21 -9.44
CA SER F 7 5.79 8.85 -10.83
C SER F 7 4.44 8.65 -11.50
N PRO F 8 4.31 9.08 -12.76
CA PRO F 8 5.30 9.79 -13.57
C PRO F 8 5.34 11.28 -13.22
N ALA F 9 6.31 12.04 -13.75
CA ALA F 9 6.31 13.48 -13.52
C ALA F 9 5.13 14.15 -14.22
N THR F 10 4.67 13.60 -15.34
CA THR F 10 3.55 14.17 -16.08
C THR F 10 2.67 13.04 -16.60
N LEU F 11 1.36 13.18 -16.41
CA LEU F 11 0.37 12.25 -16.94
C LEU F 11 -0.50 12.98 -17.97
N SER F 12 -0.54 12.45 -19.18
CA SER F 12 -1.35 13.01 -20.26
C SER F 12 -2.58 12.13 -20.48
N LEU F 13 -3.76 12.68 -20.20
CA LEU F 13 -5.00 11.95 -20.37
C LEU F 13 -6.08 12.86 -20.91
N SER F 14 -7.00 12.28 -21.68
CA SER F 14 -8.17 12.99 -22.17
C SER F 14 -9.26 13.01 -21.10
N PRO F 15 -10.21 13.93 -21.21
CA PRO F 15 -11.33 13.94 -20.25
C PRO F 15 -12.09 12.62 -20.28
N GLY F 16 -12.51 12.16 -19.10
CA GLY F 16 -13.21 10.91 -18.96
C GLY F 16 -12.32 9.72 -18.70
N GLU F 17 -11.00 9.85 -18.83
CA GLU F 17 -10.11 8.73 -18.58
C GLU F 17 -9.80 8.63 -17.09
N ARG F 18 -9.20 7.50 -16.72
CA ARG F 18 -8.86 7.21 -15.32
C ARG F 18 -7.38 7.48 -15.12
N ALA F 19 -7.07 8.41 -14.23
CA ALA F 19 -5.69 8.78 -13.92
C ALA F 19 -5.23 8.02 -12.69
N THR F 20 -4.06 7.39 -12.77
CA THR F 20 -3.50 6.60 -11.68
C THR F 20 -2.10 7.14 -11.40
N LEU F 21 -1.97 7.89 -10.30
CA LEU F 21 -0.70 8.44 -9.85
C LEU F 21 -0.17 7.58 -8.71
N SER F 22 1.14 7.37 -8.69
CA SER F 22 1.76 6.56 -7.66
C SER F 22 2.74 7.40 -6.85
N CYS F 23 2.93 7.01 -5.59
CA CYS F 23 3.85 7.69 -4.68
C CYS F 23 4.53 6.64 -3.83
N ARG F 24 5.87 6.60 -3.91
CA ARG F 24 6.67 5.64 -3.16
C ARG F 24 7.50 6.37 -2.11
N ALA F 25 7.81 5.67 -1.03
CA ALA F 25 8.57 6.23 0.08
C ALA F 25 9.86 5.45 0.29
N SER F 26 10.89 6.14 0.79
CA SER F 26 12.14 5.47 1.08
C SER F 26 11.99 4.44 2.19
N GLN F 27 11.22 4.76 3.23
CA GLN F 27 10.93 3.84 4.32
C GLN F 27 9.45 3.90 4.65
N SER F 28 9.04 3.05 5.58
CA SER F 28 7.62 2.88 5.89
C SER F 28 7.09 4.09 6.65
N VAL F 29 5.92 4.58 6.21
CA VAL F 29 5.22 5.66 6.89
C VAL F 29 3.86 5.19 7.43
N SER F 30 3.59 3.89 7.38
CA SER F 30 2.31 3.30 7.78
C SER F 30 1.23 3.95 6.92
N SER F 31 0.12 4.41 7.50
CA SER F 31 -0.96 5.05 6.75
C SER F 31 -0.97 6.56 6.92
N ASP F 32 0.15 7.16 7.32
CA ASP F 32 0.23 8.60 7.56
C ASP F 32 0.64 9.34 6.27
N LEU F 33 -0.19 9.17 5.25
CA LEU F 33 0.07 9.77 3.94
C LEU F 33 -1.16 10.54 3.46
N ALA F 34 -0.93 11.66 2.79
CA ALA F 34 -1.98 12.53 2.32
C ALA F 34 -1.69 12.97 0.88
N TRP F 35 -2.74 13.36 0.18
CA TRP F 35 -2.67 13.83 -1.19
C TRP F 35 -3.24 15.24 -1.30
N TYR F 36 -2.66 16.04 -2.19
CA TYR F 36 -3.09 17.41 -2.41
C TYR F 36 -3.19 17.70 -3.90
N GLN F 37 -4.11 18.59 -4.25
CA GLN F 37 -4.25 19.10 -5.60
C GLN F 37 -3.98 20.59 -5.60
N GLN F 38 -3.08 21.04 -6.47
CA GLN F 38 -2.76 22.46 -6.59
C GLN F 38 -2.96 22.89 -8.03
N ARG F 39 -3.87 23.83 -8.24
CA ARG F 39 -4.05 24.45 -9.53
C ARG F 39 -3.14 25.66 -9.67
N PRO F 40 -2.84 26.08 -10.89
CA PRO F 40 -1.97 27.24 -11.08
C PRO F 40 -2.52 28.48 -10.37
N GLY F 41 -1.68 29.07 -9.51
CA GLY F 41 -2.04 30.29 -8.82
C GLY F 41 -2.89 30.13 -7.58
N GLN F 42 -3.00 28.92 -7.04
CA GLN F 42 -3.77 28.68 -5.84
C GLN F 42 -2.96 27.87 -4.83
N ALA F 43 -3.41 27.93 -3.58
CA ALA F 43 -2.81 27.11 -2.54
C ALA F 43 -3.22 25.64 -2.74
N PRO F 44 -2.41 24.70 -2.24
CA PRO F 44 -2.80 23.29 -2.32
C PRO F 44 -4.10 23.03 -1.54
N ARG F 45 -4.88 22.10 -2.04
CA ARG F 45 -6.15 21.71 -1.43
C ARG F 45 -6.11 20.23 -1.09
N LEU F 46 -6.47 19.91 0.16
CA LEU F 46 -6.39 18.52 0.62
C LEU F 46 -7.43 17.66 -0.09
N LEU F 47 -6.99 16.49 -0.55
CA LEU F 47 -7.87 15.51 -1.21
C LEU F 47 -8.12 14.28 -0.34
N ILE F 48 -7.07 13.67 0.17
CA ILE F 48 -7.19 12.41 0.91
C ILE F 48 -6.20 12.43 2.07
N TYR F 49 -6.69 12.11 3.26
CA TYR F 49 -5.85 11.93 4.44
C TYR F 49 -6.01 10.49 4.94
N ASP F 50 -5.05 10.07 5.77
CA ASP F 50 -4.93 8.69 6.25
C ASP F 50 -4.77 7.69 5.11
N ALA F 51 -4.44 8.20 3.92
CA ALA F 51 -4.13 7.42 2.72
C ALA F 51 -5.37 6.76 2.12
N SER F 52 -6.52 6.85 2.80
CA SER F 52 -7.72 6.18 2.30
C SER F 52 -8.95 7.09 2.37
N ASN F 53 -8.96 8.05 3.30
CA ASN F 53 -10.15 8.82 3.60
C ASN F 53 -10.19 10.10 2.76
N ARG F 54 -11.31 10.32 2.08
CA ARG F 54 -11.51 11.57 1.38
C ARG F 54 -11.69 12.71 2.36
N ALA F 55 -11.21 13.89 1.99
CA ALA F 55 -11.38 15.06 2.83
C ALA F 55 -12.84 15.52 2.79
N THR F 56 -13.13 16.57 3.55
CA THR F 56 -14.50 17.05 3.66
C THR F 56 -14.92 17.72 2.36
N GLY F 57 -15.99 17.20 1.75
CA GLY F 57 -16.51 17.76 0.51
C GLY F 57 -15.75 17.40 -0.74
N ILE F 58 -14.83 16.46 -0.68
CA ILE F 58 -14.08 16.03 -1.87
C ILE F 58 -14.93 15.05 -2.67
N PRO F 59 -15.07 15.25 -3.98
CA PRO F 59 -15.93 14.36 -4.77
C PRO F 59 -15.45 12.91 -4.74
N ALA F 60 -16.41 11.99 -4.84
CA ALA F 60 -16.15 10.56 -4.67
C ALA F 60 -15.30 9.95 -5.76
N ARG F 61 -15.08 10.65 -6.88
CA ARG F 61 -14.22 10.10 -7.93
C ARG F 61 -12.76 10.02 -7.53
N PHE F 62 -12.37 10.65 -6.41
CA PHE F 62 -11.01 10.57 -5.91
C PHE F 62 -10.91 9.43 -4.89
N SER F 63 -9.93 8.55 -5.09
CA SER F 63 -9.73 7.42 -4.20
C SER F 63 -8.25 7.27 -3.90
N GLY F 64 -7.96 6.78 -2.70
CA GLY F 64 -6.59 6.58 -2.27
C GLY F 64 -6.42 5.21 -1.64
N SER F 65 -5.23 4.65 -1.82
CA SER F 65 -4.93 3.34 -1.28
C SER F 65 -3.45 3.25 -0.93
N GLY F 66 -3.09 2.23 -0.17
CA GLY F 66 -1.70 1.96 0.10
C GLY F 66 -1.34 2.24 1.55
N SER F 67 -0.31 1.53 2.02
CA SER F 67 0.25 1.72 3.34
C SER F 67 1.69 1.23 3.33
N GLY F 68 2.53 1.88 4.12
CA GLY F 68 3.92 1.50 4.18
C GLY F 68 4.79 2.28 3.22
N THR F 69 5.06 1.69 2.05
CA THR F 69 5.96 2.31 1.07
C THR F 69 5.34 2.49 -0.31
N ASP F 70 4.08 2.10 -0.52
CA ASP F 70 3.44 2.21 -1.82
C ASP F 70 2.05 2.80 -1.65
N PHE F 71 1.78 3.87 -2.39
CA PHE F 71 0.50 4.56 -2.36
C PHE F 71 0.10 4.95 -3.77
N THR F 72 -1.20 4.99 -4.03
CA THR F 72 -1.70 5.39 -5.34
C THR F 72 -2.90 6.30 -5.18
N LEU F 73 -2.95 7.36 -5.98
CA LEU F 73 -4.11 8.21 -6.13
C LEU F 73 -4.80 7.89 -7.45
N THR F 74 -6.13 7.78 -7.41
CA THR F 74 -6.89 7.36 -8.57
C THR F 74 -8.09 8.27 -8.76
N ILE F 75 -8.22 8.82 -9.97
CA ILE F 75 -9.40 9.59 -10.36
C ILE F 75 -10.10 8.78 -11.45
N SER F 76 -11.31 8.30 -11.13
CA SER F 76 -11.98 7.34 -12.01
C SER F 76 -12.29 7.94 -13.37
N SER F 77 -12.77 9.18 -13.40
CA SER F 77 -13.08 9.86 -14.66
C SER F 77 -12.64 11.31 -14.54
N LEU F 78 -11.69 11.71 -15.38
CA LEU F 78 -11.13 13.05 -15.29
C LEU F 78 -12.12 14.11 -15.77
N GLU F 79 -12.26 15.15 -15.00
CA GLU F 79 -12.99 16.36 -15.33
C GLU F 79 -12.02 17.46 -15.72
N PRO F 80 -12.48 18.49 -16.44
CA PRO F 80 -11.58 19.61 -16.75
C PRO F 80 -11.05 20.31 -15.51
N GLU F 81 -11.75 20.22 -14.38
CA GLU F 81 -11.28 20.78 -13.13
C GLU F 81 -10.18 19.95 -12.48
N ASP F 82 -9.92 18.75 -12.97
CA ASP F 82 -8.98 17.83 -12.35
C ASP F 82 -7.60 17.85 -13.00
N PHE F 83 -7.38 18.70 -14.00
CA PHE F 83 -6.08 18.77 -14.67
C PHE F 83 -5.22 19.77 -13.90
N ALA F 84 -4.49 19.27 -12.91
CA ALA F 84 -3.63 20.10 -12.09
C ALA F 84 -2.45 19.25 -11.62
N VAL F 85 -1.69 19.78 -10.68
CA VAL F 85 -0.55 19.08 -10.09
C VAL F 85 -0.99 18.45 -8.78
N TYR F 86 -0.54 17.22 -8.54
CA TYR F 86 -0.92 16.46 -7.35
C TYR F 86 0.31 16.15 -6.52
N TYR F 87 0.26 16.51 -5.24
CA TYR F 87 1.40 16.41 -4.34
C TYR F 87 1.16 15.30 -3.31
N CYS F 88 2.24 14.61 -2.97
CA CYS F 88 2.24 13.54 -1.97
C CYS F 88 2.81 14.09 -0.67
N GLN F 89 2.26 13.64 0.46
CA GLN F 89 2.66 14.19 1.75
C GLN F 89 2.77 13.06 2.76
N GLN F 90 3.56 13.30 3.82
CA GLN F 90 3.84 12.29 4.81
C GLN F 90 4.18 12.94 6.15
N ARG F 91 4.14 12.12 7.20
CA ARG F 91 4.69 12.47 8.51
C ARG F 91 5.68 11.37 8.90
N SER F 92 6.83 11.80 9.40
CA SER F 92 7.98 10.93 9.65
C SER F 92 8.74 11.49 10.85
N ASN F 93 10.02 11.13 10.96
CA ASN F 93 10.81 11.44 12.14
C ASN F 93 10.97 12.94 12.29
N TRP F 94 10.08 13.55 13.07
CA TRP F 94 10.02 14.99 13.34
C TRP F 94 10.16 15.80 12.06
N GLY F 95 9.10 15.70 11.25
CA GLY F 95 9.04 16.44 10.00
C GLY F 95 7.93 16.02 9.06
N PHE F 96 7.64 16.89 8.09
CA PHE F 96 6.71 16.61 7.01
C PHE F 96 7.44 16.86 5.70
N THR F 97 7.35 15.92 4.77
CA THR F 97 7.96 16.08 3.46
C THR F 97 6.91 15.93 2.38
N PHE F 98 7.20 16.50 1.21
CA PHE F 98 6.31 16.45 0.06
C PHE F 98 7.01 15.74 -1.09
N GLY F 99 6.21 15.15 -1.97
CA GLY F 99 6.73 14.58 -3.18
C GLY F 99 6.98 15.63 -4.25
N PRO F 100 7.72 15.23 -5.28
CA PRO F 100 8.01 16.17 -6.37
C PRO F 100 6.76 16.68 -7.08
N GLY F 101 5.67 15.93 -7.04
CA GLY F 101 4.44 16.35 -7.69
C GLY F 101 4.30 15.77 -9.08
N THR F 102 3.06 15.65 -9.52
CA THR F 102 2.73 15.13 -10.85
C THR F 102 1.71 16.04 -11.49
N LYS F 103 2.06 16.61 -12.65
CA LYS F 103 1.13 17.46 -13.38
C LYS F 103 0.35 16.61 -14.37
N VAL F 104 -0.98 16.69 -14.28
CA VAL F 104 -1.86 15.99 -15.21
C VAL F 104 -2.34 17.01 -16.24
N ASP F 105 -1.87 16.87 -17.47
CA ASP F 105 -2.28 17.75 -18.56
C ASP F 105 -3.40 17.08 -19.36
N ILE F 106 -3.91 17.78 -20.36
CA ILE F 106 -4.98 17.28 -21.21
C ILE F 106 -4.38 16.72 -22.49
N LYS F 107 -4.56 15.42 -22.72
CA LYS F 107 -4.05 14.79 -23.92
C LYS F 107 -4.90 15.22 -25.12
N ARG F 108 -4.23 15.60 -26.21
CA ARG F 108 -4.93 15.95 -27.44
C ARG F 108 -4.07 15.52 -28.61
N THR F 109 -4.54 15.81 -29.82
CA THR F 109 -3.80 15.43 -31.01
C THR F 109 -2.54 16.28 -31.15
N VAL F 110 -1.50 15.65 -31.70
CA VAL F 110 -0.20 16.32 -31.83
C VAL F 110 -0.30 17.43 -32.86
N ALA F 111 0.01 18.65 -32.45
CA ALA F 111 -0.01 19.82 -33.31
C ALA F 111 1.41 20.38 -33.44
N ALA F 112 1.84 20.60 -34.67
CA ALA F 112 3.16 21.15 -34.90
C ALA F 112 3.22 22.61 -34.44
N PRO F 113 4.37 23.05 -33.90
CA PRO F 113 4.50 24.44 -33.47
C PRO F 113 4.66 25.40 -34.63
N SER F 114 4.06 26.58 -34.50
CA SER F 114 4.27 27.68 -35.43
C SER F 114 5.46 28.51 -34.95
N VAL F 115 6.53 28.52 -35.72
CA VAL F 115 7.81 29.09 -35.29
C VAL F 115 7.99 30.45 -35.93
N PHE F 116 8.26 31.46 -35.10
CA PHE F 116 8.60 32.81 -35.53
C PHE F 116 9.88 33.24 -34.84
N ILE F 117 10.65 34.11 -35.51
CA ILE F 117 11.88 34.64 -34.96
C ILE F 117 11.86 36.16 -35.09
N PHE F 118 12.28 36.84 -34.02
CA PHE F 118 12.24 38.30 -33.96
C PHE F 118 13.62 38.85 -33.65
N PRO F 119 14.26 39.56 -34.57
CA PRO F 119 15.55 40.18 -34.28
C PRO F 119 15.38 41.32 -33.29
N PRO F 120 16.42 41.68 -32.54
CA PRO F 120 16.30 42.78 -31.59
C PRO F 120 15.98 44.09 -32.29
N SER F 121 15.10 44.87 -31.67
CA SER F 121 14.72 46.14 -32.24
C SER F 121 15.86 47.15 -32.14
N ASP F 122 15.76 48.21 -32.93
CA ASP F 122 16.81 49.23 -32.95
C ASP F 122 16.84 50.03 -31.66
N GLU F 123 15.69 50.20 -31.00
CA GLU F 123 15.68 50.91 -29.72
C GLU F 123 16.49 50.17 -28.68
N GLN F 124 16.33 48.85 -28.58
CA GLN F 124 17.12 48.07 -27.63
C GLN F 124 18.56 47.90 -28.11
N LEU F 125 18.75 47.78 -29.43
CA LEU F 125 20.10 47.60 -29.97
C LEU F 125 20.95 48.83 -29.69
N LYS F 126 20.33 50.01 -29.57
CA LYS F 126 21.07 51.21 -29.18
C LYS F 126 21.54 51.13 -27.74
N SER F 127 20.82 50.42 -26.89
CA SER F 127 21.12 50.33 -25.46
C SER F 127 22.22 49.33 -25.14
N GLY F 128 22.93 48.82 -26.15
CA GLY F 128 24.05 47.94 -25.91
C GLY F 128 23.70 46.49 -25.66
N THR F 129 22.41 46.13 -25.68
CA THR F 129 21.97 44.77 -25.43
C THR F 129 21.04 44.33 -26.56
N ALA F 130 21.19 43.08 -26.99
CA ALA F 130 20.38 42.49 -28.04
C ALA F 130 19.67 41.27 -27.49
N SER F 131 18.35 41.18 -27.72
CA SER F 131 17.54 40.05 -27.31
C SER F 131 16.81 39.50 -28.53
N VAL F 132 17.21 38.30 -28.97
CA VAL F 132 16.56 37.63 -30.09
C VAL F 132 15.49 36.69 -29.53
N VAL F 133 14.26 36.84 -30.02
CA VAL F 133 13.10 36.12 -29.49
C VAL F 133 12.67 35.06 -30.50
N CYS F 134 12.49 33.83 -30.01
CA CYS F 134 11.96 32.74 -30.81
C CYS F 134 10.65 32.28 -30.20
N LEU F 135 9.62 32.15 -31.01
CA LEU F 135 8.26 31.86 -30.55
C LEU F 135 7.79 30.53 -31.13
N LEU F 136 7.27 29.66 -30.26
CA LEU F 136 6.64 28.40 -30.65
C LEU F 136 5.17 28.50 -30.24
N ASN F 137 4.27 28.52 -31.23
CA ASN F 137 2.88 28.85 -31.00
C ASN F 137 1.98 27.64 -31.20
N ASN F 138 1.17 27.34 -30.18
CA ASN F 138 0.04 26.40 -30.26
C ASN F 138 0.50 25.02 -30.71
N PHE F 139 1.30 24.38 -29.86
CA PHE F 139 1.81 23.04 -30.11
C PHE F 139 1.42 22.08 -29.00
N TYR F 140 1.62 20.79 -29.26
CA TYR F 140 1.40 19.71 -28.31
C TYR F 140 2.13 18.49 -28.81
N PRO F 141 2.80 17.71 -27.95
CA PRO F 141 2.88 17.83 -26.49
C PRO F 141 3.79 18.95 -25.99
N ARG F 142 3.94 19.04 -24.67
CA ARG F 142 4.73 20.11 -24.07
C ARG F 142 6.23 19.91 -24.28
N GLU F 143 6.66 18.68 -24.57
CA GLU F 143 8.08 18.42 -24.81
C GLU F 143 8.52 19.05 -26.13
N ALA F 144 9.44 20.00 -26.05
CA ALA F 144 9.97 20.65 -27.25
C ALA F 144 11.36 21.17 -26.95
N LYS F 145 12.31 20.86 -27.83
CA LYS F 145 13.70 21.28 -27.67
C LYS F 145 13.99 22.46 -28.59
N VAL F 146 14.47 23.55 -28.02
CA VAL F 146 14.83 24.75 -28.77
C VAL F 146 16.32 25.00 -28.60
N GLN F 147 17.03 25.10 -29.71
CA GLN F 147 18.47 25.32 -29.72
C GLN F 147 18.79 26.53 -30.59
N TRP F 148 19.60 27.44 -30.05
CA TRP F 148 20.05 28.61 -30.78
C TRP F 148 21.34 28.31 -31.52
N LYS F 149 21.43 28.77 -32.76
CA LYS F 149 22.63 28.62 -33.58
C LYS F 149 22.98 29.98 -34.18
N VAL F 150 24.15 30.51 -33.81
CA VAL F 150 24.65 31.77 -34.34
C VAL F 150 25.79 31.43 -35.28
N ASP F 151 25.58 31.66 -36.57
CA ASP F 151 26.53 31.26 -37.61
C ASP F 151 26.86 29.77 -37.50
N ASN F 152 25.81 28.96 -37.36
CA ASN F 152 25.87 27.50 -37.30
C ASN F 152 26.57 27.00 -36.04
N ALA F 153 26.95 27.88 -35.12
CA ALA F 153 27.60 27.50 -33.88
C ALA F 153 26.57 27.45 -32.77
N LEU F 154 26.48 26.31 -32.09
CA LEU F 154 25.47 26.13 -31.05
C LEU F 154 25.75 27.02 -29.85
N GLN F 155 24.74 27.77 -29.43
CA GLN F 155 24.85 28.61 -28.25
C GLN F 155 24.60 27.79 -26.98
N SER F 156 25.15 28.27 -25.86
CA SER F 156 25.00 27.60 -24.59
C SER F 156 25.16 28.61 -23.46
N GLY F 157 24.20 28.62 -22.54
CA GLY F 157 24.31 29.43 -21.34
C GLY F 157 23.99 30.90 -21.51
N ASN F 158 23.36 31.30 -22.62
CA ASN F 158 23.02 32.70 -22.84
C ASN F 158 21.59 32.85 -23.35
N SER F 159 20.71 31.90 -23.01
CA SER F 159 19.32 31.96 -23.42
C SER F 159 18.44 31.47 -22.27
N GLN F 160 17.20 31.96 -22.25
CA GLN F 160 16.22 31.58 -21.25
C GLN F 160 14.88 31.30 -21.94
N GLU F 161 14.14 30.33 -21.41
CA GLU F 161 12.88 29.92 -21.99
C GLU F 161 11.74 30.18 -21.00
N SER F 162 10.55 30.38 -21.56
CA SER F 162 9.34 30.56 -20.79
C SER F 162 8.19 29.88 -21.52
N VAL F 163 7.45 29.02 -20.81
CA VAL F 163 6.38 28.23 -21.39
C VAL F 163 5.07 28.61 -20.72
N THR F 164 4.03 28.80 -21.53
CA THR F 164 2.72 29.14 -21.01
C THR F 164 2.01 27.91 -20.46
N GLU F 165 0.97 28.15 -19.69
CA GLU F 165 0.10 27.06 -19.26
C GLU F 165 -0.70 26.54 -20.45
N GLN F 166 -1.14 25.30 -20.33
CA GLN F 166 -1.94 24.70 -21.40
C GLN F 166 -3.21 25.51 -21.62
N ASP F 167 -3.48 25.84 -22.88
CA ASP F 167 -4.51 26.82 -23.20
C ASP F 167 -5.90 26.28 -22.85
N SER F 168 -6.79 27.21 -22.48
CA SER F 168 -8.14 26.84 -22.07
C SER F 168 -8.96 26.27 -23.22
N LYS F 169 -8.81 26.84 -24.41
CA LYS F 169 -9.71 26.53 -25.51
C LYS F 169 -9.21 25.37 -26.37
N ASP F 170 -7.97 25.43 -26.85
CA ASP F 170 -7.43 24.41 -27.73
C ASP F 170 -6.42 23.49 -27.08
N SER F 171 -6.15 23.67 -25.78
CA SER F 171 -5.31 22.75 -25.00
C SER F 171 -3.91 22.61 -25.59
N THR F 172 -3.37 23.71 -26.11
CA THR F 172 -2.03 23.73 -26.68
C THR F 172 -1.09 24.50 -25.76
N TYR F 173 0.20 24.45 -26.10
CA TYR F 173 1.24 25.13 -25.35
C TYR F 173 1.88 26.20 -26.21
N SER F 174 2.59 27.12 -25.55
CA SER F 174 3.35 28.15 -26.24
C SER F 174 4.66 28.37 -25.49
N LEU F 175 5.71 28.68 -26.27
CA LEU F 175 7.04 28.83 -25.71
C LEU F 175 7.71 30.05 -26.32
N SER F 176 8.44 30.80 -25.50
CA SER F 176 9.24 31.93 -25.94
C SER F 176 10.64 31.78 -25.38
N SER F 177 11.65 31.82 -26.26
CA SER F 177 13.04 31.72 -25.87
C SER F 177 13.74 33.03 -26.22
N THR F 178 14.41 33.62 -25.23
CA THR F 178 15.09 34.90 -25.39
C THR F 178 16.60 34.67 -25.33
N LEU F 179 17.28 34.97 -26.44
CA LEU F 179 18.73 34.88 -26.52
C LEU F 179 19.30 36.28 -26.31
N THR F 180 19.94 36.48 -25.15
CA THR F 180 20.45 37.80 -24.77
C THR F 180 21.96 37.84 -25.01
N LEU F 181 22.40 38.82 -25.79
CA LEU F 181 23.80 39.01 -26.11
C LEU F 181 24.14 40.50 -25.99
N SER F 182 25.43 40.79 -26.00
CA SER F 182 25.90 42.17 -26.03
C SER F 182 25.76 42.76 -27.42
N LYS F 183 25.78 44.09 -27.49
CA LYS F 183 25.72 44.77 -28.78
C LYS F 183 26.93 44.43 -29.63
N ALA F 184 28.11 44.35 -29.02
CA ALA F 184 29.33 44.02 -29.76
C ALA F 184 29.25 42.61 -30.34
N ASP F 185 28.87 41.64 -29.51
CA ASP F 185 28.76 40.27 -30.00
C ASP F 185 27.64 40.11 -31.02
N TYR F 186 26.58 40.91 -30.92
CA TYR F 186 25.51 40.85 -31.92
C TYR F 186 26.00 41.29 -33.29
N GLU F 187 26.81 42.35 -33.34
CA GLU F 187 27.30 42.87 -34.61
C GLU F 187 28.55 42.15 -35.10
N LYS F 188 29.10 41.23 -34.32
CA LYS F 188 30.21 40.40 -34.76
C LYS F 188 29.76 39.11 -35.44
N HIS F 189 28.45 38.92 -35.63
CA HIS F 189 27.92 37.75 -36.31
C HIS F 189 26.75 38.18 -37.17
N LYS F 190 26.38 37.33 -38.12
CA LYS F 190 25.34 37.66 -39.09
C LYS F 190 24.13 36.73 -39.04
N VAL F 191 24.34 35.42 -39.08
CA VAL F 191 23.25 34.46 -39.19
C VAL F 191 22.76 34.09 -37.79
N TYR F 192 21.47 34.25 -37.55
CA TYR F 192 20.84 33.89 -36.28
C TYR F 192 19.70 32.93 -36.57
N ALA F 193 19.82 31.71 -36.03
CA ALA F 193 18.89 30.62 -36.33
C ALA F 193 18.30 30.06 -35.04
N CYS F 194 17.00 29.76 -35.09
CA CYS F 194 16.30 29.08 -34.02
C CYS F 194 15.86 27.71 -34.52
N GLU F 195 16.31 26.65 -33.86
CA GLU F 195 16.04 25.28 -34.28
C GLU F 195 15.09 24.64 -33.29
N VAL F 196 13.97 24.11 -33.80
CA VAL F 196 12.91 23.55 -32.98
C VAL F 196 12.76 22.08 -33.32
N THR F 197 12.89 21.22 -32.31
CA THR F 197 12.63 19.79 -32.45
C THR F 197 11.38 19.45 -31.67
N HIS F 198 10.40 18.86 -32.36
CA HIS F 198 9.10 18.57 -31.74
C HIS F 198 8.53 17.30 -32.36
N GLN F 199 7.60 16.69 -31.63
CA GLN F 199 6.97 15.46 -32.11
C GLN F 199 6.16 15.72 -33.36
N GLY F 200 5.46 16.85 -33.43
CA GLY F 200 4.63 17.15 -34.59
C GLY F 200 5.38 17.55 -35.82
N LEU F 201 6.71 17.61 -35.76
CA LEU F 201 7.55 17.97 -36.89
C LEU F 201 8.35 16.74 -37.32
N SER F 202 8.37 16.48 -38.63
CA SER F 202 9.14 15.34 -39.13
C SER F 202 10.64 15.58 -38.97
N SER F 203 11.07 16.83 -39.09
CA SER F 203 12.47 17.21 -38.95
C SER F 203 12.53 18.51 -38.19
N PRO F 204 13.65 18.79 -37.52
CA PRO F 204 13.80 20.08 -36.82
C PRO F 204 13.72 21.25 -37.79
N VAL F 205 12.80 22.17 -37.51
CA VAL F 205 12.56 23.33 -38.37
C VAL F 205 13.40 24.50 -37.87
N THR F 206 13.98 25.25 -38.80
CA THR F 206 14.87 26.35 -38.47
C THR F 206 14.34 27.65 -39.07
N LYS F 207 14.20 28.67 -38.22
CA LYS F 207 13.85 30.02 -38.65
C LYS F 207 15.08 30.91 -38.47
N SER F 208 15.56 31.46 -39.58
CA SER F 208 16.80 32.23 -39.60
C SER F 208 16.55 33.64 -40.06
N PHE F 209 17.46 34.54 -39.69
CA PHE F 209 17.48 35.90 -40.22
C PHE F 209 18.92 36.38 -40.26
N ASN F 210 19.17 37.36 -41.13
CA ASN F 210 20.48 37.98 -41.29
C ASN F 210 20.44 39.39 -40.73
N ARG F 211 21.48 39.76 -40.00
CA ARG F 211 21.56 41.05 -39.35
C ARG F 211 21.66 42.20 -40.37
N GLU G 9 -12.43 -8.91 30.92
CA GLU G 9 -11.06 -9.40 30.83
C GLU G 9 -10.49 -9.13 29.44
N SER G 10 -11.37 -9.18 28.43
CA SER G 10 -10.97 -9.00 27.04
C SER G 10 -11.11 -7.56 26.57
N CYS G 11 -11.36 -6.61 27.48
CA CYS G 11 -11.57 -5.22 27.11
C CYS G 11 -10.23 -4.55 26.85
N ASN G 12 -9.98 -4.19 25.59
CA ASN G 12 -8.78 -3.45 25.21
C ASN G 12 -9.11 -1.96 25.13
N GLY G 13 -9.40 -1.38 26.28
CA GLY G 13 -9.74 0.02 26.35
C GLY G 13 -10.23 0.46 27.71
N LEU G 14 -11.34 1.20 27.73
CA LEU G 14 -11.89 1.74 28.96
C LEU G 14 -13.13 0.95 29.38
N TYR G 15 -13.11 0.44 30.61
CA TYR G 15 -14.21 -0.32 31.18
C TYR G 15 -14.75 0.43 32.38
N TYR G 16 -16.03 0.81 32.33
CA TYR G 16 -16.62 1.57 33.43
C TYR G 16 -17.76 0.83 34.11
N GLN G 17 -18.86 0.51 33.40
CA GLN G 17 -19.95 -0.28 33.99
C GLN G 17 -20.45 -1.28 32.95
N GLY G 18 -19.73 -2.39 32.81
CA GLY G 18 -20.12 -3.43 31.87
C GLY G 18 -19.91 -3.06 30.42
N SER G 19 -19.73 -1.76 30.16
CA SER G 19 -19.52 -1.24 28.82
C SER G 19 -18.04 -1.03 28.59
N CYS G 20 -17.53 -1.57 27.48
CA CYS G 20 -16.13 -1.46 27.10
C CYS G 20 -16.02 -0.52 25.90
N TYR G 21 -15.28 0.57 26.07
CA TYR G 21 -15.06 1.55 25.02
C TYR G 21 -13.72 1.29 24.37
N ILE G 22 -13.73 1.15 23.04
CA ILE G 22 -12.54 0.83 22.26
C ILE G 22 -12.20 2.03 21.39
N LEU G 23 -10.94 2.46 21.46
CA LEU G 23 -10.52 3.66 20.73
C LEU G 23 -10.24 3.33 19.27
N HIS G 24 -10.84 4.12 18.38
CA HIS G 24 -10.52 4.10 16.96
C HIS G 24 -9.74 5.38 16.66
N SER G 25 -8.44 5.23 16.40
CA SER G 25 -7.57 6.39 16.25
C SER G 25 -7.64 7.00 14.86
N ASP G 26 -8.40 6.43 13.94
CA ASP G 26 -8.59 7.02 12.62
C ASP G 26 -9.59 8.17 12.70
N TYR G 27 -9.26 9.27 12.04
CA TYR G 27 -10.14 10.43 12.00
C TYR G 27 -11.24 10.22 10.96
N LYS G 28 -12.48 10.34 11.40
CA LYS G 28 -13.64 10.16 10.53
C LYS G 28 -14.65 11.26 10.82
N SER G 29 -15.55 11.47 9.86
CA SER G 29 -16.69 12.35 10.13
C SER G 29 -17.65 11.64 11.07
N PHE G 30 -18.67 12.38 11.52
CA PHE G 30 -19.64 11.79 12.44
C PHE G 30 -20.39 10.63 11.79
N GLU G 31 -20.78 10.78 10.52
CA GLU G 31 -21.54 9.73 9.86
C GLU G 31 -20.71 8.48 9.67
N ASP G 32 -19.44 8.63 9.27
CA ASP G 32 -18.57 7.46 9.10
C ASP G 32 -18.28 6.79 10.44
N ALA G 33 -18.07 7.59 11.49
CA ALA G 33 -17.81 7.02 12.81
C ALA G 33 -19.00 6.24 13.32
N LYS G 34 -20.21 6.77 13.13
CA LYS G 34 -21.41 6.06 13.56
C LYS G 34 -21.58 4.74 12.81
N ALA G 35 -21.32 4.76 11.50
CA ALA G 35 -21.44 3.53 10.71
C ALA G 35 -20.39 2.50 11.11
N ASN G 36 -19.17 2.96 11.42
CA ASN G 36 -18.11 2.03 11.80
C ASN G 36 -18.41 1.34 13.13
N CYS G 37 -18.88 2.09 14.12
CA CYS G 37 -19.29 1.47 15.38
C CYS G 37 -20.47 0.53 15.18
N ALA G 38 -21.46 0.95 14.37
CA ALA G 38 -22.63 0.12 14.14
C ALA G 38 -22.26 -1.19 13.44
N ALA G 39 -21.31 -1.14 12.51
CA ALA G 39 -20.85 -2.34 11.83
C ALA G 39 -20.19 -3.33 12.79
N GLU G 40 -19.68 -2.84 13.93
CA GLU G 40 -19.10 -3.69 14.95
C GLU G 40 -20.06 -3.93 16.11
N SER G 41 -21.36 -3.76 15.87
CA SER G 41 -22.41 -3.96 16.90
C SER G 41 -22.16 -3.09 18.13
N SER G 42 -21.79 -1.83 17.90
CA SER G 42 -21.49 -0.89 18.96
C SER G 42 -22.07 0.47 18.61
N THR G 43 -22.04 1.38 19.58
CA THR G 43 -22.54 2.73 19.40
C THR G 43 -21.53 3.73 19.96
N LEU G 44 -21.66 4.98 19.51
CA LEU G 44 -20.83 6.04 20.05
C LEU G 44 -21.23 6.33 21.49
N PRO G 45 -20.31 6.83 22.32
CA PRO G 45 -20.64 7.08 23.72
C PRO G 45 -21.76 8.12 23.86
N ASN G 46 -22.64 7.87 24.83
CA ASN G 46 -23.67 8.84 25.17
C ASN G 46 -23.08 9.91 26.09
N LYS G 47 -23.33 11.18 25.76
CA LYS G 47 -22.72 12.27 26.51
C LYS G 47 -23.14 12.25 27.98
N SER G 48 -24.42 12.01 28.26
CA SER G 48 -24.88 12.04 29.64
C SER G 48 -24.36 10.87 30.46
N ASP G 49 -23.99 9.76 29.82
CA ASP G 49 -23.49 8.60 30.53
C ASP G 49 -22.03 8.74 30.95
N VAL G 50 -21.26 9.61 30.31
CA VAL G 50 -19.83 9.71 30.54
C VAL G 50 -19.37 11.10 30.94
N LEU G 51 -20.27 12.08 31.00
CA LEU G 51 -19.85 13.46 31.24
C LEU G 51 -19.27 13.64 32.64
N THR G 52 -19.89 13.04 33.65
CA THR G 52 -19.48 13.23 35.05
C THR G 52 -18.65 12.06 35.57
N THR G 53 -17.94 11.35 34.69
CA THR G 53 -17.10 10.23 35.08
C THR G 53 -15.66 10.52 34.70
N TRP G 54 -14.76 9.64 35.17
CA TRP G 54 -13.34 9.79 34.84
C TRP G 54 -13.05 9.55 33.36
N LEU G 55 -14.00 9.00 32.61
CA LEU G 55 -13.83 8.81 31.17
C LEU G 55 -13.77 10.12 30.42
N ILE G 56 -14.19 11.23 31.04
CA ILE G 56 -14.25 12.51 30.33
C ILE G 56 -12.86 12.97 29.89
N ASP G 57 -11.81 12.52 30.58
CA ASP G 57 -10.46 12.87 30.15
C ASP G 57 -10.03 12.14 28.88
N TYR G 58 -10.75 11.09 28.48
CA TYR G 58 -10.42 10.31 27.29
C TYR G 58 -11.35 10.60 26.13
N VAL G 59 -12.66 10.62 26.37
CA VAL G 59 -13.64 10.69 25.30
C VAL G 59 -13.99 12.14 24.99
N GLU G 60 -13.27 13.08 25.60
CA GLU G 60 -13.48 14.48 25.28
C GLU G 60 -13.01 14.78 23.87
N ASP G 61 -13.75 15.66 23.18
CA ASP G 61 -13.45 16.11 21.83
C ASP G 61 -13.51 14.97 20.81
N THR G 62 -14.10 13.84 21.17
CA THR G 62 -14.39 12.76 20.24
C THR G 62 -15.89 12.70 19.97
N TRP G 63 -16.26 11.93 18.96
CA TRP G 63 -17.66 11.92 18.53
C TRP G 63 -18.55 11.29 19.60
N GLY G 64 -19.70 11.93 19.85
CA GLY G 64 -20.73 11.40 20.70
C GLY G 64 -21.91 10.91 19.88
N SER G 65 -22.78 10.17 20.56
CA SER G 65 -23.95 9.59 19.88
C SER G 65 -24.93 10.66 19.42
N ASP G 66 -24.87 11.87 19.99
CA ASP G 66 -25.81 12.92 19.64
C ASP G 66 -25.40 13.70 18.40
N GLY G 67 -24.23 13.45 17.84
CA GLY G 67 -23.77 14.14 16.65
C GLY G 67 -22.76 15.25 16.86
N ASN G 68 -22.33 15.48 18.10
CA ASN G 68 -21.39 16.54 18.40
C ASN G 68 -20.23 15.99 19.22
N PRO G 69 -19.06 16.62 19.15
CA PRO G 69 -17.96 16.20 20.02
C PRO G 69 -18.34 16.33 21.48
N ILE G 70 -17.91 15.36 22.28
CA ILE G 70 -18.24 15.34 23.70
C ILE G 70 -17.39 16.39 24.40
N THR G 71 -18.04 17.45 24.89
CA THR G 71 -17.37 18.55 25.56
C THR G 71 -17.97 18.75 26.94
N LYS G 72 -17.15 19.27 27.86
CA LYS G 72 -17.63 19.54 29.21
C LYS G 72 -18.67 20.65 29.22
N THR G 73 -18.34 21.78 28.59
CA THR G 73 -19.26 22.90 28.54
C THR G 73 -20.50 22.54 27.72
N THR G 74 -21.65 23.09 28.13
CA THR G 74 -22.89 22.92 27.38
C THR G 74 -22.81 23.64 26.04
N ASP G 81 -18.69 24.37 12.39
CA ASP G 81 -19.60 23.41 11.79
C ASP G 81 -19.01 22.00 11.87
N VAL G 82 -19.68 21.12 12.63
CA VAL G 82 -19.18 19.77 12.83
C VAL G 82 -19.59 18.81 11.74
N SER G 83 -20.41 19.25 10.77
CA SER G 83 -20.66 18.46 9.59
C SER G 83 -19.46 18.37 8.67
N GLN G 84 -18.45 19.23 8.86
CA GLN G 84 -17.24 19.20 8.07
C GLN G 84 -16.01 18.82 8.88
N GLU G 85 -16.19 18.47 10.15
CA GLU G 85 -15.08 18.13 11.04
C GLU G 85 -14.84 16.63 11.06
N VAL G 86 -13.60 16.26 11.39
CA VAL G 86 -13.20 14.85 11.51
C VAL G 86 -12.52 14.67 12.87
N ARG G 87 -12.95 13.64 13.61
CA ARG G 87 -12.47 13.40 14.96
C ARG G 87 -12.33 11.89 15.19
N LYS G 88 -11.68 11.55 16.30
CA LYS G 88 -11.65 10.18 16.78
C LYS G 88 -13.01 9.79 17.37
N TYR G 89 -13.15 8.51 17.70
CA TYR G 89 -14.40 8.02 18.26
C TYR G 89 -14.14 6.73 19.03
N PHE G 90 -15.07 6.43 19.94
CA PHE G 90 -15.06 5.19 20.71
C PHE G 90 -16.32 4.40 20.38
N CYS G 91 -16.19 3.08 20.33
CA CYS G 91 -17.32 2.18 20.13
C CYS G 91 -17.49 1.32 21.39
N THR G 92 -18.72 1.19 21.86
CA THR G 92 -19.00 0.37 23.04
C THR G 92 -20.02 -0.73 22.74
N SER H 10 -10.99 -1.22 40.51
CA SER H 10 -10.87 0.14 41.03
C SER H 10 -9.98 0.98 40.13
N CYS H 11 -9.65 0.44 38.95
CA CYS H 11 -8.74 1.10 38.02
C CYS H 11 -9.51 2.18 37.25
N ASN H 12 -9.16 3.45 37.48
CA ASN H 12 -9.73 4.57 36.74
C ASN H 12 -8.81 4.93 35.58
N GLY H 13 -8.72 4.01 34.63
CA GLY H 13 -7.88 4.21 33.47
C GLY H 13 -7.75 2.97 32.60
N LEU H 14 -6.52 2.67 32.20
CA LEU H 14 -6.21 1.54 31.34
C LEU H 14 -5.56 0.43 32.16
N TYR H 15 -6.10 -0.78 32.06
CA TYR H 15 -5.60 -1.92 32.81
C TYR H 15 -5.01 -2.94 31.83
N TYR H 16 -3.70 -3.13 31.89
CA TYR H 16 -3.00 -4.10 31.06
C TYR H 16 -2.14 -4.98 31.97
N GLN H 17 -2.66 -6.14 32.36
CA GLN H 17 -1.91 -7.14 33.13
C GLN H 17 -1.39 -6.54 34.46
N GLY H 18 -2.33 -6.29 35.35
CA GLY H 18 -2.02 -5.81 36.69
C GLY H 18 -1.58 -4.36 36.81
N SER H 19 -1.20 -3.72 35.70
CA SER H 19 -0.77 -2.33 35.71
C SER H 19 -1.94 -1.44 35.32
N CYS H 20 -2.23 -0.44 36.16
CA CYS H 20 -3.31 0.51 35.91
C CYS H 20 -2.71 1.87 35.61
N TYR H 21 -2.97 2.38 34.41
CA TYR H 21 -2.49 3.67 33.96
C TYR H 21 -3.60 4.70 34.06
N ILE H 22 -3.33 5.81 34.76
CA ILE H 22 -4.30 6.88 34.96
C ILE H 22 -3.81 8.11 34.21
N LEU H 23 -4.69 8.67 33.37
CA LEU H 23 -4.32 9.79 32.51
C LEU H 23 -4.42 11.10 33.27
N HIS H 24 -3.35 11.89 33.21
CA HIS H 24 -3.35 13.28 33.66
C HIS H 24 -3.31 14.16 32.42
N SER H 25 -4.42 14.81 32.10
CA SER H 25 -4.57 15.57 30.87
C SER H 25 -4.00 16.97 30.95
N ASP H 26 -3.50 17.40 32.11
CA ASP H 26 -2.89 18.72 32.23
C ASP H 26 -1.47 18.70 31.63
N TYR H 27 -1.16 19.76 30.88
CA TYR H 27 0.15 19.89 30.25
C TYR H 27 1.17 20.34 31.28
N LYS H 28 2.21 19.53 31.48
CA LYS H 28 3.30 19.85 32.39
C LYS H 28 4.62 19.47 31.75
N SER H 29 5.70 20.03 32.27
CA SER H 29 7.04 19.62 31.85
C SER H 29 7.34 18.22 32.38
N PHE H 30 8.47 17.67 31.94
CA PHE H 30 8.84 16.32 32.38
C PHE H 30 9.07 16.28 33.89
N GLU H 31 9.74 17.29 34.43
CA GLU H 31 10.02 17.30 35.86
C GLU H 31 8.75 17.46 36.68
N ASP H 32 7.85 18.35 36.27
CA ASP H 32 6.60 18.53 36.99
C ASP H 32 5.72 17.29 36.90
N ALA H 33 5.65 16.68 35.72
CA ALA H 33 4.84 15.46 35.56
C ALA H 33 5.42 14.31 36.37
N LYS H 34 6.76 14.17 36.37
CA LYS H 34 7.39 13.12 37.15
C LYS H 34 7.16 13.31 38.64
N ALA H 35 7.25 14.55 39.11
CA ALA H 35 6.98 14.84 40.52
C ALA H 35 5.53 14.57 40.87
N ASN H 36 4.60 14.88 39.96
CA ASN H 36 3.18 14.66 40.22
C ASN H 36 2.87 13.17 40.34
N CYS H 37 3.44 12.34 39.46
CA CYS H 37 3.25 10.90 39.59
C CYS H 37 3.85 10.40 40.89
N ALA H 38 5.04 10.90 41.26
CA ALA H 38 5.68 10.47 42.49
C ALA H 38 4.84 10.83 43.71
N ALA H 39 4.18 12.00 43.68
CA ALA H 39 3.31 12.40 44.78
C ALA H 39 2.10 11.48 44.92
N GLU H 40 1.71 10.79 43.85
CA GLU H 40 0.62 9.82 43.89
C GLU H 40 1.13 8.38 43.97
N SER H 41 2.38 8.18 44.39
CA SER H 41 2.99 6.86 44.51
C SER H 41 2.94 6.08 43.20
N SER H 42 3.24 6.78 42.10
CA SER H 42 3.21 6.19 40.77
C SER H 42 4.39 6.70 39.96
N THR H 43 4.57 6.11 38.78
CA THR H 43 5.65 6.48 37.87
C THR H 43 5.11 6.62 36.46
N LEU H 44 5.88 7.31 35.63
CA LEU H 44 5.53 7.45 34.22
C LEU H 44 5.69 6.10 33.51
N PRO H 45 4.93 5.88 32.43
CA PRO H 45 5.02 4.59 31.73
C PRO H 45 6.41 4.35 31.16
N ASN H 46 6.83 3.10 31.21
CA ASN H 46 8.08 2.69 30.57
C ASN H 46 7.83 2.46 29.08
N LYS H 47 8.69 3.03 28.24
CA LYS H 47 8.48 2.93 26.81
C LYS H 47 8.48 1.49 26.33
N SER H 48 9.40 0.67 26.86
CA SER H 48 9.49 -0.72 26.42
C SER H 48 8.32 -1.56 26.90
N ASP H 49 7.66 -1.17 27.99
CA ASP H 49 6.54 -1.94 28.51
C ASP H 49 5.25 -1.71 27.74
N VAL H 50 5.14 -0.60 27.00
CA VAL H 50 3.90 -0.22 26.34
C VAL H 50 4.05 -0.06 24.84
N LEU H 51 5.27 -0.19 24.31
CA LEU H 51 5.48 0.07 22.89
C LEU H 51 4.77 -0.94 22.00
N THR H 52 4.85 -2.23 22.36
CA THR H 52 4.30 -3.30 21.54
C THR H 52 2.95 -3.79 22.04
N THR H 53 2.21 -2.94 22.75
CA THR H 53 0.89 -3.29 23.25
C THR H 53 -0.14 -2.31 22.70
N TRP H 54 -1.42 -2.61 22.93
CA TRP H 54 -2.48 -1.71 22.50
C TRP H 54 -2.49 -0.40 23.27
N LEU H 55 -1.76 -0.32 24.38
CA LEU H 55 -1.68 0.94 25.13
C LEU H 55 -0.99 2.04 24.35
N ILE H 56 -0.25 1.69 23.30
CA ILE H 56 0.46 2.69 22.52
C ILE H 56 -0.50 3.64 21.82
N ASP H 57 -1.74 3.21 21.59
CA ASP H 57 -2.74 4.10 20.99
C ASP H 57 -3.19 5.18 21.97
N TYR H 58 -2.91 5.01 23.26
CA TYR H 58 -3.26 5.98 24.30
C TYR H 58 -2.05 6.74 24.82
N VAL H 59 -0.96 6.05 25.12
CA VAL H 59 0.16 6.64 25.84
C VAL H 59 1.19 7.21 24.86
N GLU H 60 0.84 7.23 23.58
CA GLU H 60 1.72 7.86 22.60
C GLU H 60 1.73 9.37 22.81
N ASP H 61 2.86 10.02 22.55
CA ASP H 61 2.97 11.50 22.66
C ASP H 61 2.79 11.98 24.10
N THR H 62 2.85 11.08 25.08
CA THR H 62 2.84 11.46 26.48
C THR H 62 4.19 11.16 27.12
N TRP H 63 4.38 11.67 28.34
CA TRP H 63 5.67 11.54 29.00
C TRP H 63 5.95 10.08 29.36
N GLY H 64 7.19 9.66 29.12
CA GLY H 64 7.68 8.37 29.55
C GLY H 64 8.64 8.52 30.72
N SER H 65 8.91 7.38 31.37
CA SER H 65 9.79 7.38 32.53
C SER H 65 11.22 7.72 32.18
N ASP H 66 11.62 7.59 30.92
CA ASP H 66 13.00 7.85 30.50
C ASP H 66 13.25 9.34 30.23
N GLY H 67 12.23 10.18 30.24
CA GLY H 67 12.40 11.60 29.98
C GLY H 67 12.02 12.06 28.60
N ASN H 68 11.49 11.17 27.76
CA ASN H 68 11.13 11.50 26.39
C ASN H 68 9.71 11.07 26.10
N PRO H 69 9.05 11.72 25.15
CA PRO H 69 7.70 11.28 24.76
C PRO H 69 7.71 9.87 24.21
N ILE H 70 6.69 9.11 24.57
CA ILE H 70 6.56 7.72 24.13
C ILE H 70 6.10 7.73 22.67
N THR H 71 6.97 7.26 21.78
CA THR H 71 6.68 7.25 20.36
C THR H 71 6.81 5.83 19.82
N LYS H 72 6.04 5.53 18.76
CA LYS H 72 6.08 4.21 18.15
C LYS H 72 7.42 3.94 17.49
N THR H 73 7.96 4.91 16.76
CA THR H 73 9.24 4.74 16.08
C THR H 73 10.38 5.12 17.01
N THR H 74 11.60 5.15 16.48
CA THR H 74 12.77 5.51 17.27
C THR H 74 13.38 6.82 16.77
N ASP H 81 14.57 19.69 20.79
CA ASP H 81 15.12 19.67 22.14
C ASP H 81 13.98 19.55 23.16
N VAL H 82 13.92 18.40 23.85
CA VAL H 82 12.84 18.17 24.82
C VAL H 82 13.35 18.68 26.16
N SER H 83 13.26 20.00 26.35
CA SER H 83 13.49 20.63 27.64
C SER H 83 12.50 21.74 27.95
N GLN H 84 11.79 22.27 26.96
CA GLN H 84 10.77 23.29 27.14
C GLN H 84 9.39 22.79 26.76
N GLU H 85 9.24 21.50 26.50
CA GLU H 85 7.97 20.96 26.03
C GLU H 85 7.08 20.57 27.21
N VAL H 86 5.78 20.63 26.98
CA VAL H 86 4.78 20.24 27.97
C VAL H 86 3.81 19.28 27.30
N ARG H 87 3.54 18.14 27.95
CA ARG H 87 2.69 17.11 27.39
C ARG H 87 1.84 16.50 28.50
N LYS H 88 0.84 15.74 28.09
CA LYS H 88 0.10 14.94 29.04
C LYS H 88 0.95 13.75 29.50
N TYR H 89 0.45 13.02 30.50
CA TYR H 89 1.22 11.91 31.03
C TYR H 89 0.28 10.94 31.73
N PHE H 90 0.78 9.71 31.91
CA PHE H 90 0.10 8.67 32.65
C PHE H 90 0.93 8.29 33.86
N CYS H 91 0.26 8.02 34.98
CA CYS H 91 0.94 7.52 36.17
C CYS H 91 0.45 6.10 36.44
N THR H 92 1.39 5.18 36.69
CA THR H 92 1.07 3.80 37.00
C THR H 92 1.70 3.41 38.34
N GLY H 93 0.94 2.67 39.13
CA GLY H 93 1.43 2.21 40.42
C GLY H 93 0.34 1.88 41.42
#